data_1FXD
# 
_entry.id   1FXD 
# 
_audit_conform.dict_name       mmcif_pdbx.dic 
_audit_conform.dict_version    5.403 
_audit_conform.dict_location   http://mmcif.pdb.org/dictionaries/ascii/mmcif_pdbx.dic 
# 
loop_
_database_2.database_id 
_database_2.database_code 
_database_2.pdbx_database_accession 
_database_2.pdbx_DOI 
PDB   1FXD         pdb_00001fxd 10.2210/pdb1fxd/pdb 
WWPDB D_1000173457 ?            ?                   
# 
loop_
_pdbx_audit_revision_history.ordinal 
_pdbx_audit_revision_history.data_content_type 
_pdbx_audit_revision_history.major_revision 
_pdbx_audit_revision_history.minor_revision 
_pdbx_audit_revision_history.revision_date 
_pdbx_audit_revision_history.part_number 
1 'Structure model' 1 0 1993-04-15 ? 
2 'Structure model' 1 1 2008-03-03 ? 
3 'Structure model' 1 2 2011-07-13 ? 
4 'Structure model' 1 3 2017-11-29 ? 
5 'Structure model' 2 0 2025-03-26 ? 
# 
_pdbx_audit_revision_details.ordinal             1 
_pdbx_audit_revision_details.revision_ordinal    1 
_pdbx_audit_revision_details.data_content_type   'Structure model' 
_pdbx_audit_revision_details.provider            repository 
_pdbx_audit_revision_details.type                'Initial release' 
_pdbx_audit_revision_details.description         ? 
_pdbx_audit_revision_details.details             ? 
# 
loop_
_pdbx_audit_revision_group.ordinal 
_pdbx_audit_revision_group.revision_ordinal 
_pdbx_audit_revision_group.data_content_type 
_pdbx_audit_revision_group.group 
1 2 'Structure model' 'Version format compliance' 
2 3 'Structure model' 'Version format compliance' 
3 4 'Structure model' 'Derived calculations'      
4 4 'Structure model' Other                       
5 5 'Structure model' 'Atomic model'              
6 5 'Structure model' 'Data collection'           
7 5 'Structure model' 'Database references'       
8 5 'Structure model' 'Derived calculations'      
9 5 'Structure model' 'Structure summary'         
# 
loop_
_pdbx_audit_revision_category.ordinal 
_pdbx_audit_revision_category.revision_ordinal 
_pdbx_audit_revision_category.data_content_type 
_pdbx_audit_revision_category.category 
1  4 'Structure model' pdbx_database_status      
2  4 'Structure model' struct_conf               
3  4 'Structure model' struct_conf_type          
4  5 'Structure model' atom_site                 
5  5 'Structure model' chem_comp_atom            
6  5 'Structure model' chem_comp_bond            
7  5 'Structure model' database_2                
8  5 'Structure model' pdbx_entry_details        
9  5 'Structure model' pdbx_modification_feature 
10 5 'Structure model' pdbx_struct_conn_angle    
11 5 'Structure model' struct_conn               
12 5 'Structure model' struct_ref_seq_dif        
13 5 'Structure model' struct_site               
# 
loop_
_pdbx_audit_revision_item.ordinal 
_pdbx_audit_revision_item.revision_ordinal 
_pdbx_audit_revision_item.data_content_type 
_pdbx_audit_revision_item.item 
1  4 'Structure model' '_pdbx_database_status.process_site'          
2  5 'Structure model' '_atom_site.occupancy'                        
3  5 'Structure model' '_database_2.pdbx_DOI'                        
4  5 'Structure model' '_database_2.pdbx_database_accession'         
5  5 'Structure model' '_pdbx_struct_conn_angle.ptnr1_auth_seq_id'   
6  5 'Structure model' '_pdbx_struct_conn_angle.ptnr1_label_atom_id' 
7  5 'Structure model' '_pdbx_struct_conn_angle.ptnr1_label_seq_id'  
8  5 'Structure model' '_pdbx_struct_conn_angle.ptnr2_label_atom_id' 
9  5 'Structure model' '_pdbx_struct_conn_angle.ptnr3_label_atom_id' 
10 5 'Structure model' '_pdbx_struct_conn_angle.value'               
11 5 'Structure model' '_struct_conn.pdbx_dist_value'                
12 5 'Structure model' '_struct_conn.pdbx_leaving_atom_flag'         
13 5 'Structure model' '_struct_conn.ptnr1_auth_comp_id'             
14 5 'Structure model' '_struct_conn.ptnr1_auth_seq_id'              
15 5 'Structure model' '_struct_conn.ptnr1_label_asym_id'            
16 5 'Structure model' '_struct_conn.ptnr1_label_atom_id'            
17 5 'Structure model' '_struct_conn.ptnr1_label_comp_id'            
18 5 'Structure model' '_struct_conn.ptnr1_label_seq_id'             
19 5 'Structure model' '_struct_conn.ptnr2_auth_comp_id'             
20 5 'Structure model' '_struct_conn.ptnr2_auth_seq_id'              
21 5 'Structure model' '_struct_conn.ptnr2_label_asym_id'            
22 5 'Structure model' '_struct_conn.ptnr2_label_atom_id'            
23 5 'Structure model' '_struct_conn.ptnr2_label_comp_id'            
24 5 'Structure model' '_struct_conn.ptnr2_label_seq_id'             
25 5 'Structure model' '_struct_ref_seq_dif.details'                 
26 5 'Structure model' '_struct_site.pdbx_auth_asym_id'              
27 5 'Structure model' '_struct_site.pdbx_auth_comp_id'              
28 5 'Structure model' '_struct_site.pdbx_auth_seq_id'               
# 
_pdbx_database_status.status_code                     REL 
_pdbx_database_status.entry_id                        1FXD 
_pdbx_database_status.recvd_initial_deposition_date   1991-04-08 
_pdbx_database_status.deposit_site                    ? 
_pdbx_database_status.process_site                    BNL 
_pdbx_database_status.SG_entry                        . 
_pdbx_database_status.pdb_format_compatible           Y 
_pdbx_database_status.status_code_mr                  ? 
_pdbx_database_status.status_code_sf                  ? 
_pdbx_database_status.status_code_cs                  ? 
_pdbx_database_status.methods_development_category    ? 
_pdbx_database_status.status_code_nmr_data            ? 
# 
loop_
_audit_author.name 
_audit_author.pdbx_ordinal 
'Kissinger, C.R.' 1 
'Sieker, L.C.'    2 
'Adman, E.T.'     3 
'Jensen, L.H.'    4 
# 
loop_
_citation.id 
_citation.title 
_citation.journal_abbrev 
_citation.journal_volume 
_citation.page_first 
_citation.page_last 
_citation.year 
_citation.journal_id_ASTM 
_citation.country 
_citation.journal_id_ISSN 
_citation.journal_id_CSD 
_citation.book_publisher 
_citation.pdbx_database_id_PubMed 
_citation.pdbx_database_id_DOI 
primary 'Refined crystal structure of ferredoxin II from Desulfovibrio gigas at 1.7 A.'                                            
J.Mol.Biol.    219 693  715 1991 JMOBAK UK 0022-2836 0070 ? 2056535 '10.1016/0022-2836(91)90665-S' 
1       'The Crystal Structure of the Three-Iron Ferredoxin II from Desulfovibrio Gigas'                                           
'FEBS Lett.'   244 447  ?   1989 FEBLAL NE 0014-5793 0165 ? ?       ?                              
2       'Structure of the 3Fe-4S Cluster in Desulfovibrio Gigas Ferredoxin II'                                                     
J.Am.Chem.Soc. 110 8721 ?   1988 JACSAT US 0002-7863 0004 ? ?       ?                              
3       'Crystallization and Preliminary X-Ray Diffraction Study of the 3-Fe Ferredoxin II from the Bacterium Desulfovibrio Gigas' 
J.Mol.Biol.    179 151  ?   1984 JMOBAK UK 0022-2836 0070 ? ?       ?                              
# 
loop_
_citation_author.citation_id 
_citation_author.name 
_citation_author.ordinal 
_citation_author.identifier_ORCID 
primary 'Kissinger, C.R.' 1  ? 
primary 'Sieker, L.C.'    2  ? 
primary 'Adman, E.T.'     3  ? 
primary 'Jensen, L.H.'    4  ? 
1       'Kissinger, C.R.' 5  ? 
1       'Adman, E.T.'     6  ? 
1       'Sieker, L.C.'    7  ? 
1       'Jensen, L.H.'    8  ? 
1       'Legall, J.'      9  ? 
2       'Kissinger, C.R.' 10 ? 
2       'Adman, E.T.'     11 ? 
2       'Sieker, L.C.'    12 ? 
2       'Jensen, L.H.'    13 ? 
3       'Sieker, L.C.'    14 ? 
3       'Adman, E.T.'     15 ? 
3       'Jensen, L.H.'    16 ? 
3       'Legall, J.'      17 ? 
# 
loop_
_entity.id 
_entity.type 
_entity.src_method 
_entity.pdbx_description 
_entity.formula_weight 
_entity.pdbx_number_of_molecules 
_entity.pdbx_ec 
_entity.pdbx_mutation 
_entity.pdbx_fragment 
_entity.details 
1 polymer     man 'FERREDOXIN II'  6310.010 1  ? ? ? ? 
2 non-polymer syn 'FE3-S4 CLUSTER' 295.795  1  ? ? ? ? 
3 water       nat water            18.015   56 ? ? ? ? 
# 
_entity_poly.entity_id                      1 
_entity_poly.type                           'polypeptide(L)' 
_entity_poly.nstd_linkage                   no 
_entity_poly.nstd_monomer                   yes 
_entity_poly.pdbx_seq_one_letter_code       'PIEVNDDCMA(SCH)EACVEICPDVFEMNEEGDKAVVINPDSDLDCVEEAIDSCPAEAIVRS' 
_entity_poly.pdbx_seq_one_letter_code_can   PIEVNDDCMACEACVEICPDVFEMNEEGDKAVVINPDSDLDCVEEAIDSCPAEAIVRS 
_entity_poly.pdbx_strand_id                 A 
_entity_poly.pdbx_target_identifier         ? 
# 
loop_
_pdbx_entity_nonpoly.entity_id 
_pdbx_entity_nonpoly.name 
_pdbx_entity_nonpoly.comp_id 
2 'FE3-S4 CLUSTER' F3S 
3 water            HOH 
# 
loop_
_entity_poly_seq.entity_id 
_entity_poly_seq.num 
_entity_poly_seq.mon_id 
_entity_poly_seq.hetero 
1 1  PRO n 
1 2  ILE n 
1 3  GLU n 
1 4  VAL n 
1 5  ASN n 
1 6  ASP n 
1 7  ASP n 
1 8  CYS n 
1 9  MET n 
1 10 ALA n 
1 11 SCH n 
1 12 GLU n 
1 13 ALA n 
1 14 CYS n 
1 15 VAL n 
1 16 GLU n 
1 17 ILE n 
1 18 CYS n 
1 19 PRO n 
1 20 ASP n 
1 21 VAL n 
1 22 PHE n 
1 23 GLU n 
1 24 MET n 
1 25 ASN n 
1 26 GLU n 
1 27 GLU n 
1 28 GLY n 
1 29 ASP n 
1 30 LYS n 
1 31 ALA n 
1 32 VAL n 
1 33 VAL n 
1 34 ILE n 
1 35 ASN n 
1 36 PRO n 
1 37 ASP n 
1 38 SER n 
1 39 ASP n 
1 40 LEU n 
1 41 ASP n 
1 42 CYS n 
1 43 VAL n 
1 44 GLU n 
1 45 GLU n 
1 46 ALA n 
1 47 ILE n 
1 48 ASP n 
1 49 SER n 
1 50 CYS n 
1 51 PRO n 
1 52 ALA n 
1 53 GLU n 
1 54 ALA n 
1 55 ILE n 
1 56 VAL n 
1 57 ARG n 
1 58 SER n 
# 
_entity_src_gen.entity_id                          1 
_entity_src_gen.pdbx_src_id                        1 
_entity_src_gen.pdbx_alt_source_flag               sample 
_entity_src_gen.pdbx_seq_type                      ? 
_entity_src_gen.pdbx_beg_seq_num                   ? 
_entity_src_gen.pdbx_end_seq_num                   ? 
_entity_src_gen.gene_src_common_name               ? 
_entity_src_gen.gene_src_genus                     Desulfovibrio 
_entity_src_gen.pdbx_gene_src_gene                 ? 
_entity_src_gen.gene_src_species                   ? 
_entity_src_gen.gene_src_strain                    ? 
_entity_src_gen.gene_src_tissue                    ? 
_entity_src_gen.gene_src_tissue_fraction           ? 
_entity_src_gen.gene_src_details                   ? 
_entity_src_gen.pdbx_gene_src_fragment             ? 
_entity_src_gen.pdbx_gene_src_scientific_name      'Desulfovibrio gigas' 
_entity_src_gen.pdbx_gene_src_ncbi_taxonomy_id     879 
_entity_src_gen.pdbx_gene_src_variant              ? 
_entity_src_gen.pdbx_gene_src_cell_line            ? 
_entity_src_gen.pdbx_gene_src_atcc                 ? 
_entity_src_gen.pdbx_gene_src_organ                ? 
_entity_src_gen.pdbx_gene_src_organelle            ? 
_entity_src_gen.pdbx_gene_src_cell                 ? 
_entity_src_gen.pdbx_gene_src_cellular_location    ? 
_entity_src_gen.host_org_common_name               ? 
_entity_src_gen.pdbx_host_org_scientific_name      ? 
_entity_src_gen.pdbx_host_org_ncbi_taxonomy_id     ? 
_entity_src_gen.host_org_genus                     ? 
_entity_src_gen.pdbx_host_org_gene                 ? 
_entity_src_gen.pdbx_host_org_organ                ? 
_entity_src_gen.host_org_species                   ? 
_entity_src_gen.pdbx_host_org_tissue               ? 
_entity_src_gen.pdbx_host_org_tissue_fraction      ? 
_entity_src_gen.pdbx_host_org_strain               ? 
_entity_src_gen.pdbx_host_org_variant              ? 
_entity_src_gen.pdbx_host_org_cell_line            ? 
_entity_src_gen.pdbx_host_org_atcc                 ? 
_entity_src_gen.pdbx_host_org_culture_collection   ? 
_entity_src_gen.pdbx_host_org_cell                 ? 
_entity_src_gen.pdbx_host_org_organelle            ? 
_entity_src_gen.pdbx_host_org_cellular_location    ? 
_entity_src_gen.pdbx_host_org_vector_type          ? 
_entity_src_gen.pdbx_host_org_vector               ? 
_entity_src_gen.host_org_details                   ? 
_entity_src_gen.expression_system_id               ? 
_entity_src_gen.plasmid_name                       ? 
_entity_src_gen.plasmid_details                    ? 
_entity_src_gen.pdbx_description                   ? 
# 
loop_
_chem_comp.id 
_chem_comp.type 
_chem_comp.mon_nstd_flag 
_chem_comp.name 
_chem_comp.pdbx_synonyms 
_chem_comp.formula 
_chem_comp.formula_weight 
ALA 'L-peptide linking' y ALANINE                ? 'C3 H7 N O2'     89.093  
ARG 'L-peptide linking' y ARGININE               ? 'C6 H15 N4 O2 1' 175.209 
ASN 'L-peptide linking' y ASPARAGINE             ? 'C4 H8 N2 O3'    132.118 
ASP 'L-peptide linking' y 'ASPARTIC ACID'        ? 'C4 H7 N O4'     133.103 
CYS 'L-peptide linking' y CYSTEINE               ? 'C3 H7 N O2 S'   121.158 
F3S non-polymer         . 'FE3-S4 CLUSTER'       ? 'Fe3 S4'         295.795 
GLU 'L-peptide linking' y 'GLUTAMIC ACID'        ? 'C5 H9 N O4'     147.129 
GLY 'peptide linking'   y GLYCINE                ? 'C2 H5 N O2'     75.067  
HOH non-polymer         . WATER                  ? 'H2 O'           18.015  
ILE 'L-peptide linking' y ISOLEUCINE             ? 'C6 H13 N O2'    131.173 
LEU 'L-peptide linking' y LEUCINE                ? 'C6 H13 N O2'    131.173 
LYS 'L-peptide linking' y LYSINE                 ? 'C6 H15 N2 O2 1' 147.195 
MET 'L-peptide linking' y METHIONINE             ? 'C5 H11 N O2 S'  149.211 
PHE 'L-peptide linking' y PHENYLALANINE          ? 'C9 H11 N O2'    165.189 
PRO 'L-peptide linking' y PROLINE                ? 'C5 H9 N O2'     115.130 
SCH 'L-peptide linking' n S-METHYL-THIO-CYSTEINE ? 'C4 H9 N O2 S2'  167.250 
SER 'L-peptide linking' y SERINE                 ? 'C3 H7 N O3'     105.093 
VAL 'L-peptide linking' y VALINE                 ? 'C5 H11 N O2'    117.146 
# 
loop_
_pdbx_poly_seq_scheme.asym_id 
_pdbx_poly_seq_scheme.entity_id 
_pdbx_poly_seq_scheme.seq_id 
_pdbx_poly_seq_scheme.mon_id 
_pdbx_poly_seq_scheme.ndb_seq_num 
_pdbx_poly_seq_scheme.pdb_seq_num 
_pdbx_poly_seq_scheme.auth_seq_num 
_pdbx_poly_seq_scheme.pdb_mon_id 
_pdbx_poly_seq_scheme.auth_mon_id 
_pdbx_poly_seq_scheme.pdb_strand_id 
_pdbx_poly_seq_scheme.pdb_ins_code 
_pdbx_poly_seq_scheme.hetero 
A 1 1  PRO 1  1  1  PRO PRO A . n 
A 1 2  ILE 2  2  2  ILE ILE A . n 
A 1 3  GLU 3  3  3  GLU GLU A . n 
A 1 4  VAL 4  4  4  VAL VAL A . n 
A 1 5  ASN 5  5  5  ASN ASN A . n 
A 1 6  ASP 6  6  6  ASP ASP A . n 
A 1 7  ASP 7  7  7  ASP ASP A . n 
A 1 8  CYS 8  8  8  CYS CYS A . n 
A 1 9  MET 9  9  9  MET MET A . n 
A 1 10 ALA 10 10 10 ALA ALA A . n 
A 1 11 SCH 11 11 11 SCH CYS A . n 
A 1 12 GLU 12 12 12 GLU GLU A . n 
A 1 13 ALA 13 13 13 ALA ALA A . n 
A 1 14 CYS 14 14 14 CYS CYS A . n 
A 1 15 VAL 15 15 15 VAL VAL A . n 
A 1 16 GLU 16 16 16 GLU GLU A . n 
A 1 17 ILE 17 17 17 ILE ILE A . n 
A 1 18 CYS 18 18 18 CYS CYS A . n 
A 1 19 PRO 19 19 19 PRO PRO A . n 
A 1 20 ASP 20 20 20 ASP ASP A . n 
A 1 21 VAL 21 21 21 VAL VAL A . n 
A 1 22 PHE 22 22 22 PHE PHE A . n 
A 1 23 GLU 23 23 23 GLU GLU A . n 
A 1 24 MET 24 24 24 MET MET A . n 
A 1 25 ASN 25 25 25 ASN ASN A . n 
A 1 26 GLU 26 26 26 GLU GLU A . n 
A 1 27 GLU 27 27 27 GLU GLU A . n 
A 1 28 GLY 28 28 28 GLY GLY A . n 
A 1 29 ASP 29 29 29 ASP ASP A . n 
A 1 30 LYS 30 30 30 LYS LYS A . n 
A 1 31 ALA 31 31 31 ALA ALA A . n 
A 1 32 VAL 32 32 32 VAL VAL A . n 
A 1 33 VAL 33 33 33 VAL VAL A . n 
A 1 34 ILE 34 34 34 ILE ILE A . n 
A 1 35 ASN 35 35 35 ASN ASN A . n 
A 1 36 PRO 36 36 36 PRO PRO A . n 
A 1 37 ASP 37 37 37 ASP ASP A . n 
A 1 38 SER 38 38 38 SER SER A . n 
A 1 39 ASP 39 39 39 ASP ASP A . n 
A 1 40 LEU 40 40 40 LEU LEU A . n 
A 1 41 ASP 41 41 41 ASP ASP A . n 
A 1 42 CYS 42 42 42 CYS CYS A . n 
A 1 43 VAL 43 43 43 VAL VAL A . n 
A 1 44 GLU 44 44 44 GLU GLU A . n 
A 1 45 GLU 45 45 45 GLU GLU A . n 
A 1 46 ALA 46 46 46 ALA ALA A . n 
A 1 47 ILE 47 47 47 ILE ILE A . n 
A 1 48 ASP 48 48 48 ASP ASP A . n 
A 1 49 SER 49 49 49 SER SER A . n 
A 1 50 CYS 50 50 50 CYS CYS A . n 
A 1 51 PRO 51 51 51 PRO PRO A . n 
A 1 52 ALA 52 52 52 ALA ALA A . n 
A 1 53 GLU 53 53 53 GLU GLU A . n 
A 1 54 ALA 54 54 54 ALA ALA A . n 
A 1 55 ILE 55 55 55 ILE ILE A . n 
A 1 56 VAL 56 56 56 VAL VAL A . n 
A 1 57 ARG 57 57 57 ARG ARG A . n 
A 1 58 SER 58 58 58 SER SER A . n 
# 
loop_
_pdbx_nonpoly_scheme.asym_id 
_pdbx_nonpoly_scheme.entity_id 
_pdbx_nonpoly_scheme.mon_id 
_pdbx_nonpoly_scheme.ndb_seq_num 
_pdbx_nonpoly_scheme.pdb_seq_num 
_pdbx_nonpoly_scheme.auth_seq_num 
_pdbx_nonpoly_scheme.pdb_mon_id 
_pdbx_nonpoly_scheme.auth_mon_id 
_pdbx_nonpoly_scheme.pdb_strand_id 
_pdbx_nonpoly_scheme.pdb_ins_code 
B 2 F3S 1  59  59  F3S F3S A . 
C 3 HOH 1  67  67  HOH HOH A . 
C 3 HOH 2  68  68  HOH HOH A . 
C 3 HOH 3  69  69  HOH HOH A . 
C 3 HOH 4  70  70  HOH HOH A . 
C 3 HOH 5  71  71  HOH HOH A . 
C 3 HOH 6  72  72  HOH HOH A . 
C 3 HOH 7  73  73  HOH HOH A . 
C 3 HOH 8  74  74  HOH HOH A . 
C 3 HOH 9  75  75  HOH HOH A . 
C 3 HOH 10 76  76  HOH HOH A . 
C 3 HOH 11 77  77  HOH HOH A . 
C 3 HOH 12 79  79  HOH HOH A . 
C 3 HOH 13 81  81  HOH HOH A . 
C 3 HOH 14 82  82  HOH HOH A . 
C 3 HOH 15 84  84  HOH HOH A . 
C 3 HOH 16 85  85  HOH HOH A . 
C 3 HOH 17 87  87  HOH HOH A . 
C 3 HOH 18 88  88  HOH HOH A . 
C 3 HOH 19 90  90  HOH HOH A . 
C 3 HOH 20 91  91  HOH HOH A . 
C 3 HOH 21 92  92  HOH HOH A . 
C 3 HOH 22 93  93  HOH HOH A . 
C 3 HOH 23 94  94  HOH HOH A . 
C 3 HOH 24 95  95  HOH HOH A . 
C 3 HOH 25 96  96  HOH HOH A . 
C 3 HOH 26 97  97  HOH HOH A . 
C 3 HOH 27 99  99  HOH HOH A . 
C 3 HOH 28 100 100 HOH HOH A . 
C 3 HOH 29 102 102 HOH HOH A . 
C 3 HOH 30 107 107 HOH HOH A . 
C 3 HOH 31 109 109 HOH HOH A . 
C 3 HOH 32 110 110 HOH HOH A . 
C 3 HOH 33 112 112 HOH HOH A . 
C 3 HOH 34 113 113 HOH HOH A . 
C 3 HOH 35 114 114 HOH HOH A . 
C 3 HOH 36 115 115 HOH HOH A . 
C 3 HOH 37 116 116 HOH HOH A . 
C 3 HOH 38 117 117 HOH HOH A . 
C 3 HOH 39 118 118 HOH HOH A . 
C 3 HOH 40 119 119 HOH HOH A . 
C 3 HOH 41 120 120 HOH HOH A . 
C 3 HOH 42 121 121 HOH HOH A . 
C 3 HOH 43 122 122 HOH HOH A . 
C 3 HOH 44 123 123 HOH HOH A . 
C 3 HOH 45 124 124 HOH HOH A . 
C 3 HOH 46 125 125 HOH HOH A . 
C 3 HOH 47 126 126 HOH HOH A . 
C 3 HOH 48 127 127 HOH HOH A . 
C 3 HOH 49 128 128 HOH HOH A . 
C 3 HOH 50 129 129 HOH HOH A . 
C 3 HOH 51 130 130 HOH HOH A . 
C 3 HOH 52 131 131 HOH HOH A . 
C 3 HOH 53 133 133 HOH HOH A . 
C 3 HOH 54 134 134 HOH HOH A . 
C 3 HOH 55 135 135 HOH HOH A . 
C 3 HOH 56 136 136 HOH HOH A . 
# 
_software.name             PROFFT 
_software.classification   refinement 
_software.version          . 
_software.citation_id      ? 
_software.pdbx_ordinal     1 
# 
_cell.entry_id           1FXD 
_cell.length_a           40.870 
_cell.length_b           45.280 
_cell.length_c           26.470 
_cell.angle_alpha        90.00 
_cell.angle_beta         104.70 
_cell.angle_gamma        90.00 
_cell.Z_PDB              4 
_cell.pdbx_unique_axis   ? 
# 
_symmetry.entry_id                         1FXD 
_symmetry.space_group_name_H-M             'C 1 2 1' 
_symmetry.pdbx_full_space_group_name_H-M   ? 
_symmetry.cell_setting                     ? 
_symmetry.Int_Tables_number                5 
# 
_exptl.entry_id          1FXD 
_exptl.method            'X-RAY DIFFRACTION' 
_exptl.crystals_number   ? 
# 
_exptl_crystal.id                    1 
_exptl_crystal.density_meas          ? 
_exptl_crystal.density_Matthews      1.88 
_exptl_crystal.density_percent_sol   34.44 
_exptl_crystal.description           ? 
# 
_diffrn.id                     1 
_diffrn.ambient_temp           ? 
_diffrn.ambient_temp_details   ? 
_diffrn.crystal_id             1 
# 
_diffrn_radiation.diffrn_id                        1 
_diffrn_radiation.wavelength_id                    1 
_diffrn_radiation.pdbx_monochromatic_or_laue_m_l   ? 
_diffrn_radiation.monochromator                    ? 
_diffrn_radiation.pdbx_diffrn_protocol             ? 
_diffrn_radiation.pdbx_scattering_type             x-ray 
# 
_diffrn_radiation_wavelength.id           1 
_diffrn_radiation_wavelength.wavelength   . 
_diffrn_radiation_wavelength.wt           1.0 
# 
_refine.entry_id                                 1FXD 
_refine.ls_number_reflns_obs                     ? 
_refine.ls_number_reflns_all                     ? 
_refine.pdbx_ls_sigma_I                          ? 
_refine.pdbx_ls_sigma_F                          ? 
_refine.pdbx_data_cutoff_high_absF               ? 
_refine.pdbx_data_cutoff_low_absF                ? 
_refine.pdbx_data_cutoff_high_rms_absF           ? 
_refine.ls_d_res_low                             ? 
_refine.ls_d_res_high                            1.7 
_refine.ls_percent_reflns_obs                    ? 
_refine.ls_R_factor_obs                          0.157 
_refine.ls_R_factor_all                          ? 
_refine.ls_R_factor_R_work                       ? 
_refine.ls_R_factor_R_free                       ? 
_refine.ls_R_factor_R_free_error                 ? 
_refine.ls_R_factor_R_free_error_details         ? 
_refine.ls_percent_reflns_R_free                 ? 
_refine.ls_number_reflns_R_free                  ? 
_refine.ls_number_parameters                     ? 
_refine.ls_number_restraints                     ? 
_refine.occupancy_min                            ? 
_refine.occupancy_max                            ? 
_refine.B_iso_mean                               ? 
_refine.aniso_B[1][1]                            ? 
_refine.aniso_B[2][2]                            ? 
_refine.aniso_B[3][3]                            ? 
_refine.aniso_B[1][2]                            ? 
_refine.aniso_B[1][3]                            ? 
_refine.aniso_B[2][3]                            ? 
_refine.solvent_model_details                    ? 
_refine.solvent_model_param_ksol                 ? 
_refine.solvent_model_param_bsol                 ? 
_refine.pdbx_ls_cross_valid_method               ? 
_refine.details                                  ? 
_refine.pdbx_starting_model                      ? 
_refine.pdbx_method_to_determine_struct          ? 
_refine.pdbx_isotropic_thermal_model             ? 
_refine.pdbx_stereochemistry_target_values       ? 
_refine.pdbx_stereochem_target_val_spec_case     ? 
_refine.pdbx_R_Free_selection_details            ? 
_refine.pdbx_overall_ESU_R                       ? 
_refine.pdbx_overall_ESU_R_Free                  ? 
_refine.overall_SU_ML                            ? 
_refine.overall_SU_B                             ? 
_refine.pdbx_refine_id                           'X-RAY DIFFRACTION' 
_refine.pdbx_diffrn_id                           1 
_refine.pdbx_TLS_residual_ADP_flag               ? 
_refine.correlation_coeff_Fo_to_Fc               ? 
_refine.correlation_coeff_Fo_to_Fc_free          ? 
_refine.pdbx_solvent_vdw_probe_radii             ? 
_refine.pdbx_solvent_ion_probe_radii             ? 
_refine.pdbx_solvent_shrinkage_radii             ? 
_refine.pdbx_overall_phase_error                 ? 
_refine.overall_SU_R_Cruickshank_DPI             ? 
_refine.pdbx_overall_SU_R_free_Cruickshank_DPI   ? 
_refine.pdbx_overall_SU_R_Blow_DPI               ? 
_refine.pdbx_overall_SU_R_free_Blow_DPI          ? 
# 
_refine_hist.pdbx_refine_id                   'X-RAY DIFFRACTION' 
_refine_hist.cycle_id                         LAST 
_refine_hist.pdbx_number_atoms_protein        432 
_refine_hist.pdbx_number_atoms_nucleic_acid   0 
_refine_hist.pdbx_number_atoms_ligand         7 
_refine_hist.number_atoms_solvent             56 
_refine_hist.number_atoms_total               495 
_refine_hist.d_res_high                       1.7 
_refine_hist.d_res_low                        . 
# 
loop_
_refine_ls_restr.type 
_refine_ls_restr.dev_ideal 
_refine_ls_restr.dev_ideal_target 
_refine_ls_restr.weight 
_refine_ls_restr.number 
_refine_ls_restr.pdbx_refine_id 
_refine_ls_restr.pdbx_restraint_function 
p_bond_d            0.02 ? ? ? 'X-RAY DIFFRACTION' ? 
p_angle_d           ?    ? ? ? 'X-RAY DIFFRACTION' ? 
p_angle_deg         ?    ? ? ? 'X-RAY DIFFRACTION' ? 
p_planar_d          ?    ? ? ? 'X-RAY DIFFRACTION' ? 
p_hb_or_metal_coord ?    ? ? ? 'X-RAY DIFFRACTION' ? 
p_mcbond_it         ?    ? ? ? 'X-RAY DIFFRACTION' ? 
p_mcangle_it        ?    ? ? ? 'X-RAY DIFFRACTION' ? 
p_scbond_it         ?    ? ? ? 'X-RAY DIFFRACTION' ? 
p_scangle_it        ?    ? ? ? 'X-RAY DIFFRACTION' ? 
p_plane_restr       ?    ? ? ? 'X-RAY DIFFRACTION' ? 
p_chiral_restr      ?    ? ? ? 'X-RAY DIFFRACTION' ? 
p_singtor_nbd       ?    ? ? ? 'X-RAY DIFFRACTION' ? 
p_multtor_nbd       ?    ? ? ? 'X-RAY DIFFRACTION' ? 
p_xhyhbond_nbd      ?    ? ? ? 'X-RAY DIFFRACTION' ? 
p_xyhbond_nbd       ?    ? ? ? 'X-RAY DIFFRACTION' ? 
p_planar_tor        ?    ? ? ? 'X-RAY DIFFRACTION' ? 
p_staggered_tor     ?    ? ? ? 'X-RAY DIFFRACTION' ? 
p_orthonormal_tor   ?    ? ? ? 'X-RAY DIFFRACTION' ? 
p_transverse_tor    ?    ? ? ? 'X-RAY DIFFRACTION' ? 
p_special_tor       ?    ? ? ? 'X-RAY DIFFRACTION' ? 
# 
_struct.entry_id                  1FXD 
_struct.title                     'REFINED CRYSTAL STRUCTURE OF FERREDOXIN II FROM DESULFOVIBRIO GIGAS AT 1.7 ANGSTROMS' 
_struct.pdbx_model_details        ? 
_struct.pdbx_CASP_flag            ? 
_struct.pdbx_model_type_details   ? 
# 
_struct_keywords.entry_id        1FXD 
_struct_keywords.pdbx_keywords   'ELECTRON TRANSFER(IRON-SULFUR)' 
_struct_keywords.text            'ELECTRON TRANSFER(IRON-SULFUR)' 
# 
loop_
_struct_asym.id 
_struct_asym.pdbx_blank_PDB_chainid_flag 
_struct_asym.pdbx_modified 
_struct_asym.entity_id 
_struct_asym.details 
A N N 1 ? 
B N N 2 ? 
C N N 3 ? 
# 
_struct_ref.id                         1 
_struct_ref.db_name                    UNP 
_struct_ref.db_code                    FER_DESGI 
_struct_ref.entity_id                  1 
_struct_ref.pdbx_db_accession          P00209 
_struct_ref.pdbx_align_begin           1 
_struct_ref.pdbx_seq_one_letter_code   PIEVNDDCMACEACVEICPDVFEMNEEGDKAVVINPDSDLDCVEEAIDSCPAEAIVRS 
_struct_ref.pdbx_db_isoform            ? 
# 
_struct_ref_seq.align_id                      1 
_struct_ref_seq.ref_id                        1 
_struct_ref_seq.pdbx_PDB_id_code              1FXD 
_struct_ref_seq.pdbx_strand_id                A 
_struct_ref_seq.seq_align_beg                 1 
_struct_ref_seq.pdbx_seq_align_beg_ins_code   ? 
_struct_ref_seq.seq_align_end                 58 
_struct_ref_seq.pdbx_seq_align_end_ins_code   ? 
_struct_ref_seq.pdbx_db_accession             P00209 
_struct_ref_seq.db_align_beg                  1 
_struct_ref_seq.pdbx_db_align_beg_ins_code    ? 
_struct_ref_seq.db_align_end                  58 
_struct_ref_seq.pdbx_db_align_end_ins_code    ? 
_struct_ref_seq.pdbx_auth_seq_align_beg       1 
_struct_ref_seq.pdbx_auth_seq_align_end       58 
# 
_struct_ref_seq_dif.align_id                     1 
_struct_ref_seq_dif.pdbx_pdb_id_code             1FXD 
_struct_ref_seq_dif.mon_id                       SCH 
_struct_ref_seq_dif.pdbx_pdb_strand_id           A 
_struct_ref_seq_dif.seq_num                      11 
_struct_ref_seq_dif.pdbx_pdb_ins_code            ? 
_struct_ref_seq_dif.pdbx_seq_db_name             UNP 
_struct_ref_seq_dif.pdbx_seq_db_accession_code   P00209 
_struct_ref_seq_dif.db_mon_id                    CYS 
_struct_ref_seq_dif.pdbx_seq_db_seq_num          11 
_struct_ref_seq_dif.details                      conflict 
_struct_ref_seq_dif.pdbx_auth_seq_num            11 
_struct_ref_seq_dif.pdbx_ordinal                 1 
# 
_pdbx_struct_assembly.id                   1 
_pdbx_struct_assembly.details              author_defined_assembly 
_pdbx_struct_assembly.method_details       ? 
_pdbx_struct_assembly.oligomeric_details   dimeric 
_pdbx_struct_assembly.oligomeric_count     2 
# 
_pdbx_struct_assembly_gen.assembly_id       1 
_pdbx_struct_assembly_gen.oper_expression   1,2 
_pdbx_struct_assembly_gen.asym_id_list      A,B,C 
# 
loop_
_pdbx_struct_oper_list.id 
_pdbx_struct_oper_list.type 
_pdbx_struct_oper_list.name 
_pdbx_struct_oper_list.symmetry_operation 
_pdbx_struct_oper_list.matrix[1][1] 
_pdbx_struct_oper_list.matrix[1][2] 
_pdbx_struct_oper_list.matrix[1][3] 
_pdbx_struct_oper_list.vector[1] 
_pdbx_struct_oper_list.matrix[2][1] 
_pdbx_struct_oper_list.matrix[2][2] 
_pdbx_struct_oper_list.matrix[2][3] 
_pdbx_struct_oper_list.vector[2] 
_pdbx_struct_oper_list.matrix[3][1] 
_pdbx_struct_oper_list.matrix[3][2] 
_pdbx_struct_oper_list.matrix[3][3] 
_pdbx_struct_oper_list.vector[3] 
1 'identity operation'         1_555 x,y,z       1.0000000000  0.0000000000  0.0000000000  0.0000000000   0.0000000000  1.0000000000  0.0000000000 0.0000000000  0.0000000000  0.0000000000 1.0000000000  0.0000000000  
2 'crystal symmetry operation' 2_656 -x+1,y,-z+1 -0.2487474575 -0.4632457495 -0.8506045368 -15.0312704280 -0.4632457495 -0.7143482221 0.5245092880 -7.5185598487 -0.8506045368 0.5245092880 -0.0369043203 -9.1809282643 
# 
_struct_biol.id   1 
# 
loop_
_struct_conf.conf_type_id 
_struct_conf.id 
_struct_conf.pdbx_PDB_helix_id 
_struct_conf.beg_label_comp_id 
_struct_conf.beg_label_asym_id 
_struct_conf.beg_label_seq_id 
_struct_conf.pdbx_beg_PDB_ins_code 
_struct_conf.end_label_comp_id 
_struct_conf.end_label_asym_id 
_struct_conf.end_label_seq_id 
_struct_conf.pdbx_end_PDB_ins_code 
_struct_conf.beg_auth_comp_id 
_struct_conf.beg_auth_asym_id 
_struct_conf.beg_auth_seq_id 
_struct_conf.end_auth_comp_id 
_struct_conf.end_auth_asym_id 
_struct_conf.end_auth_seq_id 
_struct_conf.pdbx_PDB_helix_class 
_struct_conf.details 
_struct_conf.pdbx_PDB_helix_length 
HELX_P HELX_P1 A ALA A 13 ? ILE A 17 ? ALA A 13 ILE A 17 1 ? 5 
HELX_P HELX_P2 B ASP A 41 ? SER A 49 ? ASP A 41 SER A 49 1 ? 9 
# 
_struct_conf_type.id          HELX_P 
_struct_conf_type.criteria    ? 
_struct_conf_type.reference   ? 
# 
loop_
_struct_conn.id 
_struct_conn.conn_type_id 
_struct_conn.pdbx_leaving_atom_flag 
_struct_conn.pdbx_PDB_id 
_struct_conn.ptnr1_label_asym_id 
_struct_conn.ptnr1_label_comp_id 
_struct_conn.ptnr1_label_seq_id 
_struct_conn.ptnr1_label_atom_id 
_struct_conn.pdbx_ptnr1_label_alt_id 
_struct_conn.pdbx_ptnr1_PDB_ins_code 
_struct_conn.pdbx_ptnr1_standard_comp_id 
_struct_conn.ptnr1_symmetry 
_struct_conn.ptnr2_label_asym_id 
_struct_conn.ptnr2_label_comp_id 
_struct_conn.ptnr2_label_seq_id 
_struct_conn.ptnr2_label_atom_id 
_struct_conn.pdbx_ptnr2_label_alt_id 
_struct_conn.pdbx_ptnr2_PDB_ins_code 
_struct_conn.ptnr1_auth_asym_id 
_struct_conn.ptnr1_auth_comp_id 
_struct_conn.ptnr1_auth_seq_id 
_struct_conn.ptnr2_auth_asym_id 
_struct_conn.ptnr2_auth_comp_id 
_struct_conn.ptnr2_auth_seq_id 
_struct_conn.ptnr2_symmetry 
_struct_conn.pdbx_ptnr3_label_atom_id 
_struct_conn.pdbx_ptnr3_label_seq_id 
_struct_conn.pdbx_ptnr3_label_comp_id 
_struct_conn.pdbx_ptnr3_label_asym_id 
_struct_conn.pdbx_ptnr3_label_alt_id 
_struct_conn.pdbx_ptnr3_PDB_ins_code 
_struct_conn.details 
_struct_conn.pdbx_dist_value 
_struct_conn.pdbx_value_order 
_struct_conn.pdbx_role 
disulf1 disulf ?    ? A CYS 18 SG ? ? ? 1_555 A CYS 42 SG  ? ? A CYS 18 A CYS 42 1_555 ? ? ? ? ? ? ? 1.977 ? ? 
covale1 covale both ? A ALA 10 C  ? ? ? 1_555 A SCH 11 N   ? ? A ALA 10 A SCH 11 1_555 ? ? ? ? ? ? ? 1.305 ? ? 
covale2 covale both ? A SCH 11 C  ? ? ? 1_555 A GLU 12 N   ? ? A SCH 11 A GLU 12 1_555 ? ? ? ? ? ? ? 1.323 ? ? 
metalc1 metalc ?    ? A CYS 8  SG ? ? ? 1_555 B F3S .  FE1 ? ? A CYS 8  A F3S 59 1_555 ? ? ? ? ? ? ? 2.285 ? ? 
metalc2 metalc ?    ? A CYS 14 SG ? ? ? 1_555 B F3S .  FE3 ? ? A CYS 14 A F3S 59 1_555 ? ? ? ? ? ? ? 2.276 ? ? 
metalc3 metalc ?    ? A CYS 50 SG ? ? ? 1_555 B F3S .  FE4 ? ? A CYS 50 A F3S 59 1_555 ? ? ? ? ? ? ? 2.215 ? ? 
# 
loop_
_struct_conn_type.id 
_struct_conn_type.criteria 
_struct_conn_type.reference 
disulf ? ? 
covale ? ? 
metalc ? ? 
# 
loop_
_pdbx_struct_conn_angle.id 
_pdbx_struct_conn_angle.ptnr1_label_atom_id 
_pdbx_struct_conn_angle.ptnr1_label_alt_id 
_pdbx_struct_conn_angle.ptnr1_label_asym_id 
_pdbx_struct_conn_angle.ptnr1_label_comp_id 
_pdbx_struct_conn_angle.ptnr1_label_seq_id 
_pdbx_struct_conn_angle.ptnr1_auth_atom_id 
_pdbx_struct_conn_angle.ptnr1_auth_asym_id 
_pdbx_struct_conn_angle.ptnr1_auth_comp_id 
_pdbx_struct_conn_angle.ptnr1_auth_seq_id 
_pdbx_struct_conn_angle.ptnr1_PDB_ins_code 
_pdbx_struct_conn_angle.ptnr1_symmetry 
_pdbx_struct_conn_angle.ptnr2_label_atom_id 
_pdbx_struct_conn_angle.ptnr2_label_alt_id 
_pdbx_struct_conn_angle.ptnr2_label_asym_id 
_pdbx_struct_conn_angle.ptnr2_label_comp_id 
_pdbx_struct_conn_angle.ptnr2_label_seq_id 
_pdbx_struct_conn_angle.ptnr2_auth_atom_id 
_pdbx_struct_conn_angle.ptnr2_auth_asym_id 
_pdbx_struct_conn_angle.ptnr2_auth_comp_id 
_pdbx_struct_conn_angle.ptnr2_auth_seq_id 
_pdbx_struct_conn_angle.ptnr2_PDB_ins_code 
_pdbx_struct_conn_angle.ptnr2_symmetry 
_pdbx_struct_conn_angle.ptnr3_label_atom_id 
_pdbx_struct_conn_angle.ptnr3_label_alt_id 
_pdbx_struct_conn_angle.ptnr3_label_asym_id 
_pdbx_struct_conn_angle.ptnr3_label_comp_id 
_pdbx_struct_conn_angle.ptnr3_label_seq_id 
_pdbx_struct_conn_angle.ptnr3_auth_atom_id 
_pdbx_struct_conn_angle.ptnr3_auth_asym_id 
_pdbx_struct_conn_angle.ptnr3_auth_comp_id 
_pdbx_struct_conn_angle.ptnr3_auth_seq_id 
_pdbx_struct_conn_angle.ptnr3_PDB_ins_code 
_pdbx_struct_conn_angle.ptnr3_symmetry 
_pdbx_struct_conn_angle.value 
_pdbx_struct_conn_angle.value_esd 
1  SG ? A CYS 8  ? A CYS 8  ? 1_555 FE1 ? B F3S . ? A F3S 59 ? 1_555 S1 ? B F3S . ? A F3S 59 ? 1_555 106.0 ? 
2  SG ? A CYS 8  ? A CYS 8  ? 1_555 FE1 ? B F3S . ? A F3S 59 ? 1_555 S2 ? B F3S . ? A F3S 59 ? 1_555 114.0 ? 
3  S1 ? B F3S .  ? A F3S 59 ? 1_555 FE1 ? B F3S . ? A F3S 59 ? 1_555 S2 ? B F3S . ? A F3S 59 ? 1_555 109.2 ? 
4  SG ? A CYS 8  ? A CYS 8  ? 1_555 FE1 ? B F3S . ? A F3S 59 ? 1_555 S3 ? B F3S . ? A F3S 59 ? 1_555 118.8 ? 
5  S1 ? B F3S .  ? A F3S 59 ? 1_555 FE1 ? B F3S . ? A F3S 59 ? 1_555 S3 ? B F3S . ? A F3S 59 ? 1_555 105.1 ? 
6  S2 ? B F3S .  ? A F3S 59 ? 1_555 FE1 ? B F3S . ? A F3S 59 ? 1_555 S3 ? B F3S . ? A F3S 59 ? 1_555 103.3 ? 
7  SG ? A CYS 14 ? A CYS 14 ? 1_555 FE3 ? B F3S . ? A F3S 59 ? 1_555 S1 ? B F3S . ? A F3S 59 ? 1_555 110.5 ? 
8  SG ? A CYS 14 ? A CYS 14 ? 1_555 FE3 ? B F3S . ? A F3S 59 ? 1_555 S3 ? B F3S . ? A F3S 59 ? 1_555 116.4 ? 
9  S1 ? B F3S .  ? A F3S 59 ? 1_555 FE3 ? B F3S . ? A F3S 59 ? 1_555 S3 ? B F3S . ? A F3S 59 ? 1_555 104.2 ? 
10 SG ? A CYS 14 ? A CYS 14 ? 1_555 FE3 ? B F3S . ? A F3S 59 ? 1_555 S4 ? B F3S . ? A F3S 59 ? 1_555 116.0 ? 
11 S1 ? B F3S .  ? A F3S 59 ? 1_555 FE3 ? B F3S . ? A F3S 59 ? 1_555 S4 ? B F3S . ? A F3S 59 ? 1_555 107.2 ? 
12 S3 ? B F3S .  ? A F3S 59 ? 1_555 FE3 ? B F3S . ? A F3S 59 ? 1_555 S4 ? B F3S . ? A F3S 59 ? 1_555 101.3 ? 
13 SG ? A CYS 50 ? A CYS 50 ? 1_555 FE4 ? B F3S . ? A F3S 59 ? 1_555 S2 ? B F3S . ? A F3S 59 ? 1_555 110.4 ? 
14 SG ? A CYS 50 ? A CYS 50 ? 1_555 FE4 ? B F3S . ? A F3S 59 ? 1_555 S3 ? B F3S . ? A F3S 59 ? 1_555 110.5 ? 
15 S2 ? B F3S .  ? A F3S 59 ? 1_555 FE4 ? B F3S . ? A F3S 59 ? 1_555 S3 ? B F3S . ? A F3S 59 ? 1_555 104.8 ? 
16 SG ? A CYS 50 ? A CYS 50 ? 1_555 FE4 ? B F3S . ? A F3S 59 ? 1_555 S4 ? B F3S . ? A F3S 59 ? 1_555 121.4 ? 
17 S2 ? B F3S .  ? A F3S 59 ? 1_555 FE4 ? B F3S . ? A F3S 59 ? 1_555 S4 ? B F3S . ? A F3S 59 ? 1_555 105.0 ? 
18 S3 ? B F3S .  ? A F3S 59 ? 1_555 FE4 ? B F3S . ? A F3S 59 ? 1_555 S4 ? B F3S . ? A F3S 59 ? 1_555 103.4 ? 
# 
loop_
_pdbx_modification_feature.ordinal 
_pdbx_modification_feature.label_comp_id 
_pdbx_modification_feature.label_asym_id 
_pdbx_modification_feature.label_seq_id 
_pdbx_modification_feature.label_alt_id 
_pdbx_modification_feature.modified_residue_label_comp_id 
_pdbx_modification_feature.modified_residue_label_asym_id 
_pdbx_modification_feature.modified_residue_label_seq_id 
_pdbx_modification_feature.modified_residue_label_alt_id 
_pdbx_modification_feature.auth_comp_id 
_pdbx_modification_feature.auth_asym_id 
_pdbx_modification_feature.auth_seq_id 
_pdbx_modification_feature.PDB_ins_code 
_pdbx_modification_feature.symmetry 
_pdbx_modification_feature.modified_residue_auth_comp_id 
_pdbx_modification_feature.modified_residue_auth_asym_id 
_pdbx_modification_feature.modified_residue_auth_seq_id 
_pdbx_modification_feature.modified_residue_PDB_ins_code 
_pdbx_modification_feature.modified_residue_symmetry 
_pdbx_modification_feature.comp_id_linking_atom 
_pdbx_modification_feature.modified_residue_id_linking_atom 
_pdbx_modification_feature.modified_residue_id 
_pdbx_modification_feature.ref_pcm_id 
_pdbx_modification_feature.ref_comp_id 
_pdbx_modification_feature.type 
_pdbx_modification_feature.category 
1 SCH A 11 ? .   . .  . SCH A 11 ? 1_555 .   . .  . .     .  .  CYS 1 SCH Methylsulfanylation 'Named protein modification' 
2 CYS A 18 ? CYS A 42 ? CYS A 18 ? 1_555 CYS A 42 ? 1_555 SG SG .   . .   None                'Disulfide bridge'           
# 
loop_
_struct_sheet.id 
_struct_sheet.type 
_struct_sheet.number_strands 
_struct_sheet.details 
A ? 2 ? 
B ? 2 ? 
# 
loop_
_struct_sheet_order.sheet_id 
_struct_sheet_order.range_id_1 
_struct_sheet_order.range_id_2 
_struct_sheet_order.offset 
_struct_sheet_order.sense 
A 1 2 ? anti-parallel 
B 1 2 ? anti-parallel 
# 
loop_
_struct_sheet_range.sheet_id 
_struct_sheet_range.id 
_struct_sheet_range.beg_label_comp_id 
_struct_sheet_range.beg_label_asym_id 
_struct_sheet_range.beg_label_seq_id 
_struct_sheet_range.pdbx_beg_PDB_ins_code 
_struct_sheet_range.end_label_comp_id 
_struct_sheet_range.end_label_asym_id 
_struct_sheet_range.end_label_seq_id 
_struct_sheet_range.pdbx_end_PDB_ins_code 
_struct_sheet_range.beg_auth_comp_id 
_struct_sheet_range.beg_auth_asym_id 
_struct_sheet_range.beg_auth_seq_id 
_struct_sheet_range.end_auth_comp_id 
_struct_sheet_range.end_auth_asym_id 
_struct_sheet_range.end_auth_seq_id 
A 1 PRO A 1  ? VAL A 4  ? PRO A 1  VAL A 4  
A 2 ILE A 55 ? SER A 58 ? ILE A 55 SER A 58 
B 1 PHE A 22 ? MET A 24 ? PHE A 22 MET A 24 
B 2 ALA A 31 ? VAL A 33 ? ALA A 31 VAL A 33 
# 
loop_
_pdbx_struct_sheet_hbond.sheet_id 
_pdbx_struct_sheet_hbond.range_id_1 
_pdbx_struct_sheet_hbond.range_id_2 
_pdbx_struct_sheet_hbond.range_1_label_atom_id 
_pdbx_struct_sheet_hbond.range_1_label_comp_id 
_pdbx_struct_sheet_hbond.range_1_label_asym_id 
_pdbx_struct_sheet_hbond.range_1_label_seq_id 
_pdbx_struct_sheet_hbond.range_1_PDB_ins_code 
_pdbx_struct_sheet_hbond.range_1_auth_atom_id 
_pdbx_struct_sheet_hbond.range_1_auth_comp_id 
_pdbx_struct_sheet_hbond.range_1_auth_asym_id 
_pdbx_struct_sheet_hbond.range_1_auth_seq_id 
_pdbx_struct_sheet_hbond.range_2_label_atom_id 
_pdbx_struct_sheet_hbond.range_2_label_comp_id 
_pdbx_struct_sheet_hbond.range_2_label_asym_id 
_pdbx_struct_sheet_hbond.range_2_label_seq_id 
_pdbx_struct_sheet_hbond.range_2_PDB_ins_code 
_pdbx_struct_sheet_hbond.range_2_auth_atom_id 
_pdbx_struct_sheet_hbond.range_2_auth_comp_id 
_pdbx_struct_sheet_hbond.range_2_auth_asym_id 
_pdbx_struct_sheet_hbond.range_2_auth_seq_id 
A 1 2 N GLU A 3  ? N GLU A 3  O VAL A 56 ? O VAL A 56 
B 1 2 O GLU A 23 ? O GLU A 23 N VAL A 32 ? N VAL A 32 
# 
loop_
_struct_site.id 
_struct_site.pdbx_evidence_code 
_struct_site.pdbx_auth_asym_id 
_struct_site.pdbx_auth_comp_id 
_struct_site.pdbx_auth_seq_id 
_struct_site.pdbx_auth_ins_code 
_struct_site.pdbx_num_residues 
_struct_site.details 
FES Unknown  ? ?   ?  ? 3 ?                                   
AC1 Software A F3S 59 ? 9 'BINDING SITE FOR RESIDUE F3S A 59' 
# 
loop_
_struct_site_gen.id 
_struct_site_gen.site_id 
_struct_site_gen.pdbx_num_res 
_struct_site_gen.label_comp_id 
_struct_site_gen.label_asym_id 
_struct_site_gen.label_seq_id 
_struct_site_gen.pdbx_auth_ins_code 
_struct_site_gen.auth_comp_id 
_struct_site_gen.auth_asym_id 
_struct_site_gen.auth_seq_id 
_struct_site_gen.label_atom_id 
_struct_site_gen.label_alt_id 
_struct_site_gen.symmetry 
_struct_site_gen.details 
1  FES 3 CYS A 8  ? CYS A 8  . ? 1_555 ? 
2  FES 3 CYS A 14 ? CYS A 14 . ? 1_555 ? 
3  FES 3 CYS A 50 ? CYS A 50 . ? 1_555 ? 
4  AC1 9 CYS A 8  ? CYS A 8  . ? 1_555 ? 
5  AC1 9 MET A 9  ? MET A 9  . ? 1_555 ? 
6  AC1 9 ALA A 10 ? ALA A 10 . ? 1_555 ? 
7  AC1 9 SCH A 11 ? SCH A 11 . ? 1_555 ? 
8  AC1 9 GLU A 12 ? GLU A 12 . ? 1_555 ? 
9  AC1 9 ALA A 13 ? ALA A 13 . ? 1_555 ? 
10 AC1 9 CYS A 14 ? CYS A 14 . ? 1_555 ? 
11 AC1 9 CYS A 50 ? CYS A 50 . ? 1_555 ? 
12 AC1 9 ILE A 55 ? ILE A 55 . ? 1_555 ? 
# 
_pdbx_entry_details.entry_id                   1FXD 
_pdbx_entry_details.compound_details           ? 
_pdbx_entry_details.source_details             ? 
_pdbx_entry_details.nonpolymer_details         ? 
_pdbx_entry_details.sequence_details           ? 
_pdbx_entry_details.has_ligand_of_interest     ? 
_pdbx_entry_details.has_protein_modification   Y 
# 
_pdbx_validate_symm_contact.id                1 
_pdbx_validate_symm_contact.PDB_model_num     1 
_pdbx_validate_symm_contact.auth_atom_id_1    CG 
_pdbx_validate_symm_contact.auth_asym_id_1    A 
_pdbx_validate_symm_contact.auth_comp_id_1    GLU 
_pdbx_validate_symm_contact.auth_seq_id_1     26 
_pdbx_validate_symm_contact.PDB_ins_code_1    ? 
_pdbx_validate_symm_contact.label_alt_id_1    ? 
_pdbx_validate_symm_contact.site_symmetry_1   1_555 
_pdbx_validate_symm_contact.auth_atom_id_2    OE2 
_pdbx_validate_symm_contact.auth_asym_id_2    A 
_pdbx_validate_symm_contact.auth_comp_id_2    GLU 
_pdbx_validate_symm_contact.auth_seq_id_2     44 
_pdbx_validate_symm_contact.PDB_ins_code_2    ? 
_pdbx_validate_symm_contact.label_alt_id_2    ? 
_pdbx_validate_symm_contact.site_symmetry_2   3_555 
_pdbx_validate_symm_contact.dist              2.11 
# 
loop_
_pdbx_validate_rmsd_angle.id 
_pdbx_validate_rmsd_angle.PDB_model_num 
_pdbx_validate_rmsd_angle.auth_atom_id_1 
_pdbx_validate_rmsd_angle.auth_asym_id_1 
_pdbx_validate_rmsd_angle.auth_comp_id_1 
_pdbx_validate_rmsd_angle.auth_seq_id_1 
_pdbx_validate_rmsd_angle.PDB_ins_code_1 
_pdbx_validate_rmsd_angle.label_alt_id_1 
_pdbx_validate_rmsd_angle.auth_atom_id_2 
_pdbx_validate_rmsd_angle.auth_asym_id_2 
_pdbx_validate_rmsd_angle.auth_comp_id_2 
_pdbx_validate_rmsd_angle.auth_seq_id_2 
_pdbx_validate_rmsd_angle.PDB_ins_code_2 
_pdbx_validate_rmsd_angle.label_alt_id_2 
_pdbx_validate_rmsd_angle.auth_atom_id_3 
_pdbx_validate_rmsd_angle.auth_asym_id_3 
_pdbx_validate_rmsd_angle.auth_comp_id_3 
_pdbx_validate_rmsd_angle.auth_seq_id_3 
_pdbx_validate_rmsd_angle.PDB_ins_code_3 
_pdbx_validate_rmsd_angle.label_alt_id_3 
_pdbx_validate_rmsd_angle.angle_value 
_pdbx_validate_rmsd_angle.angle_target_value 
_pdbx_validate_rmsd_angle.angle_deviation 
_pdbx_validate_rmsd_angle.angle_standard_deviation 
_pdbx_validate_rmsd_angle.linker_flag 
1 1 OE1 A GLU 3  ? ? CD A GLU 3  ? ? OE2 A GLU 3  ? ? 130.67 123.30 7.37  1.20 N 
2 1 CA  A GLU 23 ? ? CB A GLU 23 ? ? CG  A GLU 23 ? ? 130.68 113.40 17.28 2.20 N 
3 1 CB  A ASP 29 ? ? CG A ASP 29 ? ? OD1 A ASP 29 ? ? 126.65 118.30 8.35  0.90 N 
4 1 OE1 A GLU 45 ? ? CD A GLU 45 ? ? OE2 A GLU 45 ? ? 131.33 123.30 8.03  1.20 N 
# 
_pdbx_struct_mod_residue.id               1 
_pdbx_struct_mod_residue.label_asym_id    A 
_pdbx_struct_mod_residue.label_comp_id    SCH 
_pdbx_struct_mod_residue.label_seq_id     11 
_pdbx_struct_mod_residue.auth_asym_id     A 
_pdbx_struct_mod_residue.auth_comp_id     SCH 
_pdbx_struct_mod_residue.auth_seq_id      11 
_pdbx_struct_mod_residue.PDB_ins_code     ? 
_pdbx_struct_mod_residue.parent_comp_id   CYS 
_pdbx_struct_mod_residue.details          S-METHYL-THIO-CYSTEINE 
# 
loop_
_pdbx_struct_special_symmetry.id 
_pdbx_struct_special_symmetry.PDB_model_num 
_pdbx_struct_special_symmetry.auth_asym_id 
_pdbx_struct_special_symmetry.auth_comp_id 
_pdbx_struct_special_symmetry.auth_seq_id 
_pdbx_struct_special_symmetry.PDB_ins_code 
_pdbx_struct_special_symmetry.label_asym_id 
_pdbx_struct_special_symmetry.label_comp_id 
_pdbx_struct_special_symmetry.label_seq_id 
1 1 A HOH 113 ? C HOH . 
2 1 A HOH 119 ? C HOH . 
3 1 A HOH 122 ? C HOH . 
4 1 A HOH 125 ? C HOH . 
5 1 A HOH 136 ? C HOH . 
# 
loop_
_chem_comp_atom.comp_id 
_chem_comp_atom.atom_id 
_chem_comp_atom.type_symbol 
_chem_comp_atom.pdbx_aromatic_flag 
_chem_comp_atom.pdbx_stereo_config 
_chem_comp_atom.pdbx_ordinal 
ALA N    N  N N 1   
ALA CA   C  N S 2   
ALA C    C  N N 3   
ALA O    O  N N 4   
ALA CB   C  N N 5   
ALA OXT  O  N N 6   
ALA H    H  N N 7   
ALA H2   H  N N 8   
ALA HA   H  N N 9   
ALA HB1  H  N N 10  
ALA HB2  H  N N 11  
ALA HB3  H  N N 12  
ALA HXT  H  N N 13  
ARG N    N  N N 14  
ARG CA   C  N S 15  
ARG C    C  N N 16  
ARG O    O  N N 17  
ARG CB   C  N N 18  
ARG CG   C  N N 19  
ARG CD   C  N N 20  
ARG NE   N  N N 21  
ARG CZ   C  N N 22  
ARG NH1  N  N N 23  
ARG NH2  N  N N 24  
ARG OXT  O  N N 25  
ARG H    H  N N 26  
ARG H2   H  N N 27  
ARG HA   H  N N 28  
ARG HB2  H  N N 29  
ARG HB3  H  N N 30  
ARG HG2  H  N N 31  
ARG HG3  H  N N 32  
ARG HD2  H  N N 33  
ARG HD3  H  N N 34  
ARG HE   H  N N 35  
ARG HH11 H  N N 36  
ARG HH12 H  N N 37  
ARG HH21 H  N N 38  
ARG HH22 H  N N 39  
ARG HXT  H  N N 40  
ASN N    N  N N 41  
ASN CA   C  N S 42  
ASN C    C  N N 43  
ASN O    O  N N 44  
ASN CB   C  N N 45  
ASN CG   C  N N 46  
ASN OD1  O  N N 47  
ASN ND2  N  N N 48  
ASN OXT  O  N N 49  
ASN H    H  N N 50  
ASN H2   H  N N 51  
ASN HA   H  N N 52  
ASN HB2  H  N N 53  
ASN HB3  H  N N 54  
ASN HD21 H  N N 55  
ASN HD22 H  N N 56  
ASN HXT  H  N N 57  
ASP N    N  N N 58  
ASP CA   C  N S 59  
ASP C    C  N N 60  
ASP O    O  N N 61  
ASP CB   C  N N 62  
ASP CG   C  N N 63  
ASP OD1  O  N N 64  
ASP OD2  O  N N 65  
ASP OXT  O  N N 66  
ASP H    H  N N 67  
ASP H2   H  N N 68  
ASP HA   H  N N 69  
ASP HB2  H  N N 70  
ASP HB3  H  N N 71  
ASP HD2  H  N N 72  
ASP HXT  H  N N 73  
CYS N    N  N N 74  
CYS CA   C  N R 75  
CYS C    C  N N 76  
CYS O    O  N N 77  
CYS CB   C  N N 78  
CYS SG   S  N N 79  
CYS OXT  O  N N 80  
CYS H    H  N N 81  
CYS H2   H  N N 82  
CYS HA   H  N N 83  
CYS HB2  H  N N 84  
CYS HB3  H  N N 85  
CYS HG   H  N N 86  
CYS HXT  H  N N 87  
F3S FE1  FE N N 88  
F3S FE3  FE N N 89  
F3S FE4  FE N N 90  
F3S S1   S  N N 91  
F3S S2   S  N N 92  
F3S S3   S  N N 93  
F3S S4   S  N N 94  
GLU N    N  N N 95  
GLU CA   C  N S 96  
GLU C    C  N N 97  
GLU O    O  N N 98  
GLU CB   C  N N 99  
GLU CG   C  N N 100 
GLU CD   C  N N 101 
GLU OE1  O  N N 102 
GLU OE2  O  N N 103 
GLU OXT  O  N N 104 
GLU H    H  N N 105 
GLU H2   H  N N 106 
GLU HA   H  N N 107 
GLU HB2  H  N N 108 
GLU HB3  H  N N 109 
GLU HG2  H  N N 110 
GLU HG3  H  N N 111 
GLU HE2  H  N N 112 
GLU HXT  H  N N 113 
GLY N    N  N N 114 
GLY CA   C  N N 115 
GLY C    C  N N 116 
GLY O    O  N N 117 
GLY OXT  O  N N 118 
GLY H    H  N N 119 
GLY H2   H  N N 120 
GLY HA2  H  N N 121 
GLY HA3  H  N N 122 
GLY HXT  H  N N 123 
HOH O    O  N N 124 
HOH H1   H  N N 125 
HOH H2   H  N N 126 
ILE N    N  N N 127 
ILE CA   C  N S 128 
ILE C    C  N N 129 
ILE O    O  N N 130 
ILE CB   C  N S 131 
ILE CG1  C  N N 132 
ILE CG2  C  N N 133 
ILE CD1  C  N N 134 
ILE OXT  O  N N 135 
ILE H    H  N N 136 
ILE H2   H  N N 137 
ILE HA   H  N N 138 
ILE HB   H  N N 139 
ILE HG12 H  N N 140 
ILE HG13 H  N N 141 
ILE HG21 H  N N 142 
ILE HG22 H  N N 143 
ILE HG23 H  N N 144 
ILE HD11 H  N N 145 
ILE HD12 H  N N 146 
ILE HD13 H  N N 147 
ILE HXT  H  N N 148 
LEU N    N  N N 149 
LEU CA   C  N S 150 
LEU C    C  N N 151 
LEU O    O  N N 152 
LEU CB   C  N N 153 
LEU CG   C  N N 154 
LEU CD1  C  N N 155 
LEU CD2  C  N N 156 
LEU OXT  O  N N 157 
LEU H    H  N N 158 
LEU H2   H  N N 159 
LEU HA   H  N N 160 
LEU HB2  H  N N 161 
LEU HB3  H  N N 162 
LEU HG   H  N N 163 
LEU HD11 H  N N 164 
LEU HD12 H  N N 165 
LEU HD13 H  N N 166 
LEU HD21 H  N N 167 
LEU HD22 H  N N 168 
LEU HD23 H  N N 169 
LEU HXT  H  N N 170 
LYS N    N  N N 171 
LYS CA   C  N S 172 
LYS C    C  N N 173 
LYS O    O  N N 174 
LYS CB   C  N N 175 
LYS CG   C  N N 176 
LYS CD   C  N N 177 
LYS CE   C  N N 178 
LYS NZ   N  N N 179 
LYS OXT  O  N N 180 
LYS H    H  N N 181 
LYS H2   H  N N 182 
LYS HA   H  N N 183 
LYS HB2  H  N N 184 
LYS HB3  H  N N 185 
LYS HG2  H  N N 186 
LYS HG3  H  N N 187 
LYS HD2  H  N N 188 
LYS HD3  H  N N 189 
LYS HE2  H  N N 190 
LYS HE3  H  N N 191 
LYS HZ1  H  N N 192 
LYS HZ2  H  N N 193 
LYS HZ3  H  N N 194 
LYS HXT  H  N N 195 
MET N    N  N N 196 
MET CA   C  N S 197 
MET C    C  N N 198 
MET O    O  N N 199 
MET CB   C  N N 200 
MET CG   C  N N 201 
MET SD   S  N N 202 
MET CE   C  N N 203 
MET OXT  O  N N 204 
MET H    H  N N 205 
MET H2   H  N N 206 
MET HA   H  N N 207 
MET HB2  H  N N 208 
MET HB3  H  N N 209 
MET HG2  H  N N 210 
MET HG3  H  N N 211 
MET HE1  H  N N 212 
MET HE2  H  N N 213 
MET HE3  H  N N 214 
MET HXT  H  N N 215 
PHE N    N  N N 216 
PHE CA   C  N S 217 
PHE C    C  N N 218 
PHE O    O  N N 219 
PHE CB   C  N N 220 
PHE CG   C  Y N 221 
PHE CD1  C  Y N 222 
PHE CD2  C  Y N 223 
PHE CE1  C  Y N 224 
PHE CE2  C  Y N 225 
PHE CZ   C  Y N 226 
PHE OXT  O  N N 227 
PHE H    H  N N 228 
PHE H2   H  N N 229 
PHE HA   H  N N 230 
PHE HB2  H  N N 231 
PHE HB3  H  N N 232 
PHE HD1  H  N N 233 
PHE HD2  H  N N 234 
PHE HE1  H  N N 235 
PHE HE2  H  N N 236 
PHE HZ   H  N N 237 
PHE HXT  H  N N 238 
PRO N    N  N N 239 
PRO CA   C  N S 240 
PRO C    C  N N 241 
PRO O    O  N N 242 
PRO CB   C  N N 243 
PRO CG   C  N N 244 
PRO CD   C  N N 245 
PRO OXT  O  N N 246 
PRO H    H  N N 247 
PRO HA   H  N N 248 
PRO HB2  H  N N 249 
PRO HB3  H  N N 250 
PRO HG2  H  N N 251 
PRO HG3  H  N N 252 
PRO HD2  H  N N 253 
PRO HD3  H  N N 254 
PRO HXT  H  N N 255 
SCH N    N  N N 256 
SCH CA   C  N R 257 
SCH CB   C  N N 258 
SCH SG   S  N N 259 
SCH SD   S  N N 260 
SCH CE   C  N N 261 
SCH C    C  N N 262 
SCH O    O  N N 263 
SCH OXT  O  N N 264 
SCH H    H  N N 265 
SCH H2   H  N N 266 
SCH HA   H  N N 267 
SCH HB2  H  N N 268 
SCH HB3  H  N N 269 
SCH HE1  H  N N 270 
SCH HE2  H  N N 271 
SCH HE3  H  N N 272 
SCH HXT  H  N N 273 
SER N    N  N N 274 
SER CA   C  N S 275 
SER C    C  N N 276 
SER O    O  N N 277 
SER CB   C  N N 278 
SER OG   O  N N 279 
SER OXT  O  N N 280 
SER H    H  N N 281 
SER H2   H  N N 282 
SER HA   H  N N 283 
SER HB2  H  N N 284 
SER HB3  H  N N 285 
SER HG   H  N N 286 
SER HXT  H  N N 287 
VAL N    N  N N 288 
VAL CA   C  N S 289 
VAL C    C  N N 290 
VAL O    O  N N 291 
VAL CB   C  N N 292 
VAL CG1  C  N N 293 
VAL CG2  C  N N 294 
VAL OXT  O  N N 295 
VAL H    H  N N 296 
VAL H2   H  N N 297 
VAL HA   H  N N 298 
VAL HB   H  N N 299 
VAL HG11 H  N N 300 
VAL HG12 H  N N 301 
VAL HG13 H  N N 302 
VAL HG21 H  N N 303 
VAL HG22 H  N N 304 
VAL HG23 H  N N 305 
VAL HXT  H  N N 306 
# 
loop_
_chem_comp_bond.comp_id 
_chem_comp_bond.atom_id_1 
_chem_comp_bond.atom_id_2 
_chem_comp_bond.value_order 
_chem_comp_bond.pdbx_aromatic_flag 
_chem_comp_bond.pdbx_stereo_config 
_chem_comp_bond.pdbx_ordinal 
ALA N   CA   sing N N 1   
ALA N   H    sing N N 2   
ALA N   H2   sing N N 3   
ALA CA  C    sing N N 4   
ALA CA  CB   sing N N 5   
ALA CA  HA   sing N N 6   
ALA C   O    doub N N 7   
ALA C   OXT  sing N N 8   
ALA CB  HB1  sing N N 9   
ALA CB  HB2  sing N N 10  
ALA CB  HB3  sing N N 11  
ALA OXT HXT  sing N N 12  
ARG N   CA   sing N N 13  
ARG N   H    sing N N 14  
ARG N   H2   sing N N 15  
ARG CA  C    sing N N 16  
ARG CA  CB   sing N N 17  
ARG CA  HA   sing N N 18  
ARG C   O    doub N N 19  
ARG C   OXT  sing N N 20  
ARG CB  CG   sing N N 21  
ARG CB  HB2  sing N N 22  
ARG CB  HB3  sing N N 23  
ARG CG  CD   sing N N 24  
ARG CG  HG2  sing N N 25  
ARG CG  HG3  sing N N 26  
ARG CD  NE   sing N N 27  
ARG CD  HD2  sing N N 28  
ARG CD  HD3  sing N N 29  
ARG NE  CZ   sing N N 30  
ARG NE  HE   sing N N 31  
ARG CZ  NH1  sing N N 32  
ARG CZ  NH2  doub N N 33  
ARG NH1 HH11 sing N N 34  
ARG NH1 HH12 sing N N 35  
ARG NH2 HH21 sing N N 36  
ARG NH2 HH22 sing N N 37  
ARG OXT HXT  sing N N 38  
ASN N   CA   sing N N 39  
ASN N   H    sing N N 40  
ASN N   H2   sing N N 41  
ASN CA  C    sing N N 42  
ASN CA  CB   sing N N 43  
ASN CA  HA   sing N N 44  
ASN C   O    doub N N 45  
ASN C   OXT  sing N N 46  
ASN CB  CG   sing N N 47  
ASN CB  HB2  sing N N 48  
ASN CB  HB3  sing N N 49  
ASN CG  OD1  doub N N 50  
ASN CG  ND2  sing N N 51  
ASN ND2 HD21 sing N N 52  
ASN ND2 HD22 sing N N 53  
ASN OXT HXT  sing N N 54  
ASP N   CA   sing N N 55  
ASP N   H    sing N N 56  
ASP N   H2   sing N N 57  
ASP CA  C    sing N N 58  
ASP CA  CB   sing N N 59  
ASP CA  HA   sing N N 60  
ASP C   O    doub N N 61  
ASP C   OXT  sing N N 62  
ASP CB  CG   sing N N 63  
ASP CB  HB2  sing N N 64  
ASP CB  HB3  sing N N 65  
ASP CG  OD1  doub N N 66  
ASP CG  OD2  sing N N 67  
ASP OD2 HD2  sing N N 68  
ASP OXT HXT  sing N N 69  
CYS N   CA   sing N N 70  
CYS N   H    sing N N 71  
CYS N   H2   sing N N 72  
CYS CA  C    sing N N 73  
CYS CA  CB   sing N N 74  
CYS CA  HA   sing N N 75  
CYS C   O    doub N N 76  
CYS C   OXT  sing N N 77  
CYS CB  SG   sing N N 78  
CYS CB  HB2  sing N N 79  
CYS CB  HB3  sing N N 80  
CYS SG  HG   sing N N 81  
CYS OXT HXT  sing N N 82  
F3S FE1 S1   sing N N 83  
F3S FE1 S2   sing N N 84  
F3S FE1 S3   sing N N 85  
F3S FE3 S1   sing N N 86  
F3S FE3 S3   sing N N 87  
F3S FE3 S4   sing N N 88  
F3S FE4 S2   sing N N 89  
F3S FE4 S3   sing N N 90  
F3S FE4 S4   sing N N 91  
GLU N   CA   sing N N 92  
GLU N   H    sing N N 93  
GLU N   H2   sing N N 94  
GLU CA  C    sing N N 95  
GLU CA  CB   sing N N 96  
GLU CA  HA   sing N N 97  
GLU C   O    doub N N 98  
GLU C   OXT  sing N N 99  
GLU CB  CG   sing N N 100 
GLU CB  HB2  sing N N 101 
GLU CB  HB3  sing N N 102 
GLU CG  CD   sing N N 103 
GLU CG  HG2  sing N N 104 
GLU CG  HG3  sing N N 105 
GLU CD  OE1  doub N N 106 
GLU CD  OE2  sing N N 107 
GLU OE2 HE2  sing N N 108 
GLU OXT HXT  sing N N 109 
GLY N   CA   sing N N 110 
GLY N   H    sing N N 111 
GLY N   H2   sing N N 112 
GLY CA  C    sing N N 113 
GLY CA  HA2  sing N N 114 
GLY CA  HA3  sing N N 115 
GLY C   O    doub N N 116 
GLY C   OXT  sing N N 117 
GLY OXT HXT  sing N N 118 
HOH O   H1   sing N N 119 
HOH O   H2   sing N N 120 
ILE N   CA   sing N N 121 
ILE N   H    sing N N 122 
ILE N   H2   sing N N 123 
ILE CA  C    sing N N 124 
ILE CA  CB   sing N N 125 
ILE CA  HA   sing N N 126 
ILE C   O    doub N N 127 
ILE C   OXT  sing N N 128 
ILE CB  CG1  sing N N 129 
ILE CB  CG2  sing N N 130 
ILE CB  HB   sing N N 131 
ILE CG1 CD1  sing N N 132 
ILE CG1 HG12 sing N N 133 
ILE CG1 HG13 sing N N 134 
ILE CG2 HG21 sing N N 135 
ILE CG2 HG22 sing N N 136 
ILE CG2 HG23 sing N N 137 
ILE CD1 HD11 sing N N 138 
ILE CD1 HD12 sing N N 139 
ILE CD1 HD13 sing N N 140 
ILE OXT HXT  sing N N 141 
LEU N   CA   sing N N 142 
LEU N   H    sing N N 143 
LEU N   H2   sing N N 144 
LEU CA  C    sing N N 145 
LEU CA  CB   sing N N 146 
LEU CA  HA   sing N N 147 
LEU C   O    doub N N 148 
LEU C   OXT  sing N N 149 
LEU CB  CG   sing N N 150 
LEU CB  HB2  sing N N 151 
LEU CB  HB3  sing N N 152 
LEU CG  CD1  sing N N 153 
LEU CG  CD2  sing N N 154 
LEU CG  HG   sing N N 155 
LEU CD1 HD11 sing N N 156 
LEU CD1 HD12 sing N N 157 
LEU CD1 HD13 sing N N 158 
LEU CD2 HD21 sing N N 159 
LEU CD2 HD22 sing N N 160 
LEU CD2 HD23 sing N N 161 
LEU OXT HXT  sing N N 162 
LYS N   CA   sing N N 163 
LYS N   H    sing N N 164 
LYS N   H2   sing N N 165 
LYS CA  C    sing N N 166 
LYS CA  CB   sing N N 167 
LYS CA  HA   sing N N 168 
LYS C   O    doub N N 169 
LYS C   OXT  sing N N 170 
LYS CB  CG   sing N N 171 
LYS CB  HB2  sing N N 172 
LYS CB  HB3  sing N N 173 
LYS CG  CD   sing N N 174 
LYS CG  HG2  sing N N 175 
LYS CG  HG3  sing N N 176 
LYS CD  CE   sing N N 177 
LYS CD  HD2  sing N N 178 
LYS CD  HD3  sing N N 179 
LYS CE  NZ   sing N N 180 
LYS CE  HE2  sing N N 181 
LYS CE  HE3  sing N N 182 
LYS NZ  HZ1  sing N N 183 
LYS NZ  HZ2  sing N N 184 
LYS NZ  HZ3  sing N N 185 
LYS OXT HXT  sing N N 186 
MET N   CA   sing N N 187 
MET N   H    sing N N 188 
MET N   H2   sing N N 189 
MET CA  C    sing N N 190 
MET CA  CB   sing N N 191 
MET CA  HA   sing N N 192 
MET C   O    doub N N 193 
MET C   OXT  sing N N 194 
MET CB  CG   sing N N 195 
MET CB  HB2  sing N N 196 
MET CB  HB3  sing N N 197 
MET CG  SD   sing N N 198 
MET CG  HG2  sing N N 199 
MET CG  HG3  sing N N 200 
MET SD  CE   sing N N 201 
MET CE  HE1  sing N N 202 
MET CE  HE2  sing N N 203 
MET CE  HE3  sing N N 204 
MET OXT HXT  sing N N 205 
PHE N   CA   sing N N 206 
PHE N   H    sing N N 207 
PHE N   H2   sing N N 208 
PHE CA  C    sing N N 209 
PHE CA  CB   sing N N 210 
PHE CA  HA   sing N N 211 
PHE C   O    doub N N 212 
PHE C   OXT  sing N N 213 
PHE CB  CG   sing N N 214 
PHE CB  HB2  sing N N 215 
PHE CB  HB3  sing N N 216 
PHE CG  CD1  doub Y N 217 
PHE CG  CD2  sing Y N 218 
PHE CD1 CE1  sing Y N 219 
PHE CD1 HD1  sing N N 220 
PHE CD2 CE2  doub Y N 221 
PHE CD2 HD2  sing N N 222 
PHE CE1 CZ   doub Y N 223 
PHE CE1 HE1  sing N N 224 
PHE CE2 CZ   sing Y N 225 
PHE CE2 HE2  sing N N 226 
PHE CZ  HZ   sing N N 227 
PHE OXT HXT  sing N N 228 
PRO N   CA   sing N N 229 
PRO N   CD   sing N N 230 
PRO N   H    sing N N 231 
PRO CA  C    sing N N 232 
PRO CA  CB   sing N N 233 
PRO CA  HA   sing N N 234 
PRO C   O    doub N N 235 
PRO C   OXT  sing N N 236 
PRO CB  CG   sing N N 237 
PRO CB  HB2  sing N N 238 
PRO CB  HB3  sing N N 239 
PRO CG  CD   sing N N 240 
PRO CG  HG2  sing N N 241 
PRO CG  HG3  sing N N 242 
PRO CD  HD2  sing N N 243 
PRO CD  HD3  sing N N 244 
PRO OXT HXT  sing N N 245 
SCH N   CA   sing N N 246 
SCH N   H    sing N N 247 
SCH N   H2   sing N N 248 
SCH CA  CB   sing N N 249 
SCH CA  C    sing N N 250 
SCH CA  HA   sing N N 251 
SCH CB  SG   sing N N 252 
SCH CB  HB2  sing N N 253 
SCH CB  HB3  sing N N 254 
SCH SG  SD   sing N N 255 
SCH SD  CE   sing N N 256 
SCH CE  HE1  sing N N 257 
SCH CE  HE2  sing N N 258 
SCH CE  HE3  sing N N 259 
SCH C   O    doub N N 260 
SCH C   OXT  sing N N 261 
SCH OXT HXT  sing N N 262 
SER N   CA   sing N N 263 
SER N   H    sing N N 264 
SER N   H2   sing N N 265 
SER CA  C    sing N N 266 
SER CA  CB   sing N N 267 
SER CA  HA   sing N N 268 
SER C   O    doub N N 269 
SER C   OXT  sing N N 270 
SER CB  OG   sing N N 271 
SER CB  HB2  sing N N 272 
SER CB  HB3  sing N N 273 
SER OG  HG   sing N N 274 
SER OXT HXT  sing N N 275 
VAL N   CA   sing N N 276 
VAL N   H    sing N N 277 
VAL N   H2   sing N N 278 
VAL CA  C    sing N N 279 
VAL CA  CB   sing N N 280 
VAL CA  HA   sing N N 281 
VAL C   O    doub N N 282 
VAL C   OXT  sing N N 283 
VAL CB  CG1  sing N N 284 
VAL CB  CG2  sing N N 285 
VAL CB  HB   sing N N 286 
VAL CG1 HG11 sing N N 287 
VAL CG1 HG12 sing N N 288 
VAL CG1 HG13 sing N N 289 
VAL CG2 HG21 sing N N 290 
VAL CG2 HG22 sing N N 291 
VAL CG2 HG23 sing N N 292 
VAL OXT HXT  sing N N 293 
# 
_atom_sites.entry_id                    1FXD 
_atom_sites.fract_transf_matrix[1][1]   -0.01973797 
_atom_sites.fract_transf_matrix[1][2]   -0.00381795 
_atom_sites.fract_transf_matrix[1][3]   -0.01535326 
_atom_sites.fract_transf_matrix[2][1]   0.01353553 
_atom_sites.fract_transf_matrix[2][2]   -0.00834643 
_atom_sites.fract_transf_matrix[2][3]   -0.01532559 
_atom_sites.fract_transf_matrix[3][1]   -0.01244211 
_atom_sites.fract_transf_matrix[3][2]   -0.03600479 
_atom_sites.fract_transf_matrix[3][3]   0.00861964 
_atom_sites.fract_transf_vector[1]      0.266828 
_atom_sites.fract_transf_vector[2]      -0.049532 
_atom_sites.fract_transf_vector[3]      0.310705 
# 
loop_
_atom_type.symbol 
C  
FE 
N  
O  
S  
# 
loop_
_atom_site.group_PDB 
_atom_site.id 
_atom_site.type_symbol 
_atom_site.label_atom_id 
_atom_site.label_alt_id 
_atom_site.label_comp_id 
_atom_site.label_asym_id 
_atom_site.label_entity_id 
_atom_site.label_seq_id 
_atom_site.pdbx_PDB_ins_code 
_atom_site.Cartn_x 
_atom_site.Cartn_y 
_atom_site.Cartn_z 
_atom_site.occupancy 
_atom_site.B_iso_or_equiv 
_atom_site.pdbx_formal_charge 
_atom_site.auth_seq_id 
_atom_site.auth_comp_id 
_atom_site.auth_asym_id 
_atom_site.auth_atom_id 
_atom_site.pdbx_PDB_model_num 
ATOM   1   N  N   . PRO A 1 1  ? -11.028 0.098   6.544   1.00 28.45 ? 1   PRO A N   1 
ATOM   2   C  CA  . PRO A 1 1  ? -10.064 -0.708  5.778   1.00 25.54 ? 1   PRO A CA  1 
ATOM   3   C  C   . PRO A 1 1  ? -8.942  0.158   5.197   1.00 20.48 ? 1   PRO A C   1 
ATOM   4   O  O   . PRO A 1 1  ? -8.935  1.391   5.207   1.00 17.08 ? 1   PRO A O   1 
ATOM   5   C  CB  . PRO A 1 1  ? -10.876 -1.406  4.723   1.00 26.46 ? 1   PRO A CB  1 
ATOM   6   C  CG  . PRO A 1 1  ? -12.304 -0.950  4.942   1.00 28.75 ? 1   PRO A CG  1 
ATOM   7   C  CD  . PRO A 1 1  ? -12.355 -0.556  6.431   1.00 28.17 ? 1   PRO A CD  1 
ATOM   8   N  N   . ILE A 1 2  ? -7.986  -0.617  4.698   1.00 15.72 ? 2   ILE A N   1 
ATOM   9   C  CA  . ILE A 1 2  ? -6.796  0.039   4.123   1.00 15.73 ? 2   ILE A CA  1 
ATOM   10  C  C   . ILE A 1 2  ? -7.131  0.510   2.702   1.00 13.05 ? 2   ILE A C   1 
ATOM   11  O  O   . ILE A 1 2  ? -7.666  -0.290  1.911   1.00 12.26 ? 2   ILE A O   1 
ATOM   12  C  CB  . ILE A 1 2  ? -5.578  -1.000  4.096   1.00 15.12 ? 2   ILE A CB  1 
ATOM   13  C  CG1 . ILE A 1 2  ? -5.449  -1.799  5.378   1.00 16.45 ? 2   ILE A CG1 1 
ATOM   14  C  CG2 . ILE A 1 2  ? -4.241  -0.249  3.729   1.00 16.41 ? 2   ILE A CG2 1 
ATOM   15  C  CD1 . ILE A 1 2  ? -4.676  -3.162  5.273   1.00 17.48 ? 2   ILE A CD1 1 
ATOM   16  N  N   . GLU A 1 3  ? -6.726  1.714   2.383   1.00 13.85 ? 3   GLU A N   1 
ATOM   17  C  CA  . GLU A 1 3  ? -6.827  2.380   1.106   1.00 14.39 ? 3   GLU A CA  1 
ATOM   18  C  C   . GLU A 1 3  ? -5.532  3.052   0.647   1.00 13.49 ? 3   GLU A C   1 
ATOM   19  O  O   . GLU A 1 3  ? -4.735  3.461   1.493   1.00 14.32 ? 3   GLU A O   1 
ATOM   20  C  CB  . GLU A 1 3  ? -7.775  3.585   1.237   1.00 22.91 ? 3   GLU A CB  1 
ATOM   21  C  CG  . GLU A 1 3  ? -9.226  3.254   1.593   1.00 34.90 ? 3   GLU A CG  1 
ATOM   22  C  CD  . GLU A 1 3  ? -10.112 4.377   1.057   1.00 42.41 ? 3   GLU A CD  1 
ATOM   23  O  OE1 . GLU A 1 3  ? -9.779  5.465   1.583   1.00 44.21 ? 3   GLU A OE1 1 
ATOM   24  O  OE2 . GLU A 1 3  ? -10.925 4.134   0.188   1.00 45.74 ? 3   GLU A OE2 1 
ATOM   25  N  N   . VAL A 1 4  ? -5.325  3.230   -0.637  1.00 13.52 ? 4   VAL A N   1 
ATOM   26  C  CA  . VAL A 1 4  ? -4.168  3.934   -1.217  1.00 11.17 ? 4   VAL A CA  1 
ATOM   27  C  C   . VAL A 1 4  ? -4.814  5.167   -1.862  1.00 11.46 ? 4   VAL A C   1 
ATOM   28  O  O   . VAL A 1 4  ? -5.746  5.017   -2.674  1.00 12.17 ? 4   VAL A O   1 
ATOM   29  C  CB  . VAL A 1 4  ? -3.389  3.163   -2.299  1.00 10.32 ? 4   VAL A CB  1 
ATOM   30  C  CG1 . VAL A 1 4  ? -2.291  4.073   -2.810  1.00 10.15 ? 4   VAL A CG1 1 
ATOM   31  C  CG2 . VAL A 1 4  ? -2.857  1.897   -1.715  1.00 14.71 ? 4   VAL A CG2 1 
ATOM   32  N  N   . ASN A 1 5  ? -4.396  6.336   -1.499  1.00 11.77 ? 5   ASN A N   1 
ATOM   33  C  CA  . ASN A 1 5  ? -4.990  7.576   -2.015  1.00 10.03 ? 5   ASN A CA  1 
ATOM   34  C  C   . ASN A 1 5  ? -4.212  8.003   -3.265  1.00 11.13 ? 5   ASN A C   1 
ATOM   35  O  O   . ASN A 1 5  ? -3.262  7.335   -3.702  1.00 12.10 ? 5   ASN A O   1 
ATOM   36  C  CB  . ASN A 1 5  ? -5.184  8.591   -0.937  1.00 11.57 ? 5   ASN A CB  1 
ATOM   37  C  CG  . ASN A 1 5  ? -3.917  9.339   -0.578  1.00 16.21 ? 5   ASN A CG  1 
ATOM   38  O  OD1 . ASN A 1 5  ? -2.944  9.384   -1.367  1.00 13.83 ? 5   ASN A OD1 1 
ATOM   39  N  ND2 . ASN A 1 5  ? -3.897  9.916   0.633   1.00 21.32 ? 5   ASN A ND2 1 
ATOM   40  N  N   . ASP A 1 6  ? -4.689  9.117   -3.832  1.00 12.66 ? 6   ASP A N   1 
ATOM   41  C  CA  . ASP A 1 6  ? -4.132  9.634   -5.077  1.00 11.33 ? 6   ASP A CA  1 
ATOM   42  C  C   . ASP A 1 6  ? -2.744  10.258  -4.955  1.00 12.51 ? 6   ASP A C   1 
ATOM   43  O  O   . ASP A 1 6  ? -2.229  10.611  -6.061  1.00 13.71 ? 6   ASP A O   1 
ATOM   44  C  CB  . ASP A 1 6  ? -5.131  10.542  -5.765  1.00 15.65 ? 6   ASP A CB  1 
ATOM   45  C  CG  . ASP A 1 6  ? -6.290  9.867   -6.487  1.00 22.96 ? 6   ASP A CG  1 
ATOM   46  O  OD1 . ASP A 1 6  ? -6.186  8.702   -6.949  1.00 23.09 ? 6   ASP A OD1 1 
ATOM   47  O  OD2 . ASP A 1 6  ? -7.318  10.577  -6.536  1.00 24.77 ? 6   ASP A OD2 1 
ATOM   48  N  N   . ASP A 1 7  ? -2.208  10.369  -3.758  1.00 10.59 ? 7   ASP A N   1 
ATOM   49  C  CA  . ASP A 1 7  ? -0.864  10.886  -3.527  1.00 7.21  ? 7   ASP A CA  1 
ATOM   50  C  C   . ASP A 1 7  ? 0.143   9.774   -3.875  1.00 6.61  ? 7   ASP A C   1 
ATOM   51  O  O   . ASP A 1 7  ? 1.334   10.061  -4.049  1.00 10.39 ? 7   ASP A O   1 
ATOM   52  C  CB  . ASP A 1 7  ? -0.699  11.511  -2.167  1.00 9.69  ? 7   ASP A CB  1 
ATOM   53  C  CG  . ASP A 1 7  ? -1.251  12.948  -2.169  1.00 14.96 ? 7   ASP A CG  1 
ATOM   54  O  OD1 . ASP A 1 7  ? -1.311  13.555  -3.246  1.00 23.14 ? 7   ASP A OD1 1 
ATOM   55  O  OD2 . ASP A 1 7  ? -1.619  13.489  -1.133  1.00 20.85 ? 7   ASP A OD2 1 
ATOM   56  N  N   . CYS A 1 8  ? -0.289  8.574   -4.106  1.00 4.66  ? 8   CYS A N   1 
ATOM   57  C  CA  . CYS A 1 8  ? 0.658   7.509   -4.434  1.00 6.42  ? 8   CYS A CA  1 
ATOM   58  C  C   . CYS A 1 8  ? 1.588   7.933   -5.540  1.00 7.09  ? 8   CYS A C   1 
ATOM   59  O  O   . CYS A 1 8  ? 1.109   8.285   -6.617  1.00 11.37 ? 8   CYS A O   1 
ATOM   60  C  CB  . CYS A 1 8  ? -0.086  6.208   -4.699  1.00 9.43  ? 8   CYS A CB  1 
ATOM   61  S  SG  . CYS A 1 8  ? 0.960   4.826   -5.336  1.00 10.79 ? 8   CYS A SG  1 
ATOM   62  N  N   . MET A 1 9  ? 2.866   7.822   -5.335  1.00 10.37 ? 9   MET A N   1 
ATOM   63  C  CA  . MET A 1 9  ? 3.905   8.187   -6.280  1.00 11.01 ? 9   MET A CA  1 
ATOM   64  C  C   . MET A 1 9  ? 4.517   6.985   -6.959  1.00 11.23 ? 9   MET A C   1 
ATOM   65  O  O   . MET A 1 9  ? 5.529   7.139   -7.660  1.00 10.91 ? 9   MET A O   1 
ATOM   66  C  CB  . MET A 1 9  ? 4.971   8.933   -5.515  1.00 16.26 ? 9   MET A CB  1 
ATOM   67  C  CG  . MET A 1 9  ? 4.507   10.270  -5.035  1.00 18.97 ? 9   MET A CG  1 
ATOM   68  S  SD  . MET A 1 9  ? 6.090   11.222  -4.670  1.00 22.64 ? 9   MET A SD  1 
ATOM   69  C  CE  . MET A 1 9  ? 6.005   10.937  -2.905  1.00 15.27 ? 9   MET A CE  1 
ATOM   70  N  N   . ALA A 1 10 ? 3.961   5.840   -6.762  1.00 11.51 ? 10  ALA A N   1 
ATOM   71  C  CA  . ALA A 1 10 ? 4.365   4.527   -7.261  1.00 12.03 ? 10  ALA A CA  1 
ATOM   72  C  C   . ALA A 1 10 ? 5.789   4.202   -6.798  1.00 12.34 ? 10  ALA A C   1 
ATOM   73  O  O   . ALA A 1 10 ? 6.537   3.743   -7.655  1.00 13.45 ? 10  ALA A O   1 
ATOM   74  C  CB  . ALA A 1 10 ? 4.362   4.332   -8.763  1.00 15.37 ? 10  ALA A CB  1 
HETATM 75  N  N   . SCH A 1 11 ? 6.039   4.443   -5.541  1.00 11.03 ? 11  SCH A N   1 
HETATM 76  C  CA  . SCH A 1 11 ? 7.331   4.203   -4.862  1.00 13.08 ? 11  SCH A CA  1 
HETATM 77  C  CB  . SCH A 1 11 ? 7.203   4.810   -3.469  1.00 14.23 ? 11  SCH A CB  1 
HETATM 78  S  SG  . SCH A 1 11 ? 7.337   6.638   -3.461  1.00 16.53 ? 11  SCH A SG  1 
HETATM 79  S  SD  . SCH A 1 11 ? 9.366   7.063   -4.442  1.00 21.59 ? 11  SCH A SD  1 
HETATM 80  C  CE  . SCH A 1 11 ? 10.137  6.630   -2.917  1.00 21.46 ? 11  SCH A CE  1 
HETATM 81  C  C   . SCH A 1 11 ? 7.620   2.701   -4.795  1.00 15.21 ? 11  SCH A C   1 
HETATM 82  O  O   . SCH A 1 11 ? 8.786   2.271   -4.907  1.00 14.42 ? 11  SCH A O   1 
ATOM   83  N  N   . GLU A 1 12 ? 6.565   1.920   -4.627  1.00 15.26 ? 12  GLU A N   1 
ATOM   84  C  CA  . GLU A 1 12 ? 6.423   0.508   -4.497  1.00 16.74 ? 12  GLU A CA  1 
ATOM   85  C  C   . GLU A 1 12 ? 7.100   -0.080  -3.257  1.00 15.35 ? 12  GLU A C   1 
ATOM   86  O  O   . GLU A 1 12 ? 7.348   -1.292  -3.240  1.00 16.93 ? 12  GLU A O   1 
ATOM   87  C  CB  . GLU A 1 12 ? 6.967   -0.400  -5.612  1.00 18.38 ? 12  GLU A CB  1 
ATOM   88  C  CG  . GLU A 1 12 ? 6.906   0.406   -6.925  1.00 27.43 ? 12  GLU A CG  1 
ATOM   89  C  CD  . GLU A 1 12 ? 7.095   -0.334  -8.190  1.00 31.02 ? 12  GLU A CD  1 
ATOM   90  O  OE1 . GLU A 1 12 ? 7.292   -1.552  -8.016  1.00 39.68 ? 12  GLU A OE1 1 
ATOM   91  O  OE2 . GLU A 1 12 ? 7.050   0.221   -9.274  1.00 38.35 ? 12  GLU A OE2 1 
ATOM   92  N  N   . ALA A 1 13 ? 7.342   0.774   -2.289  1.00 13.75 ? 13  ALA A N   1 
ATOM   93  C  CA  . ALA A 1 13 ? 7.907   0.234   -1.041  1.00 12.75 ? 13  ALA A CA  1 
ATOM   94  C  C   . ALA A 1 13 ? 6.858   -0.727  -0.466  1.00 13.71 ? 13  ALA A C   1 
ATOM   95  O  O   . ALA A 1 13 ? 7.260   -1.804  0.053   1.00 15.22 ? 13  ALA A O   1 
ATOM   96  C  CB  . ALA A 1 13 ? 8.215   1.359   -0.056  1.00 13.21 ? 13  ALA A CB  1 
ATOM   97  N  N   . CYS A 1 14 ? 5.599   -0.356  -0.478  1.00 11.54 ? 14  CYS A N   1 
ATOM   98  C  CA  . CYS A 1 14 ? 4.529   -1.211  0.099   1.00 8.83  ? 14  CYS A CA  1 
ATOM   99  C  C   . CYS A 1 14 ? 4.515   -2.610  -0.547  1.00 10.84 ? 14  CYS A C   1 
ATOM   100 O  O   . CYS A 1 14 ? 4.226   -3.595  0.164   1.00 9.07  ? 14  CYS A O   1 
ATOM   101 C  CB  . CYS A 1 14 ? 3.174   -0.540  -0.075  1.00 14.48 ? 14  CYS A CB  1 
ATOM   102 S  SG  . CYS A 1 14 ? 2.753   -0.172  -1.799  1.00 11.70 ? 14  CYS A SG  1 
ATOM   103 N  N   . VAL A 1 15 ? 4.780   -2.720  -1.816  1.00 9.76  ? 15  VAL A N   1 
ATOM   104 C  CA  . VAL A 1 15 ? 4.789   -4.043  -2.512  1.00 12.35 ? 15  VAL A CA  1 
ATOM   105 C  C   . VAL A 1 15 ? 5.921   -4.947  -2.067  1.00 15.06 ? 15  VAL A C   1 
ATOM   106 O  O   . VAL A 1 15 ? 5.847   -6.212  -2.019  1.00 15.30 ? 15  VAL A O   1 
ATOM   107 C  CB  . VAL A 1 15 ? 4.736   -3.681  -4.027  1.00 16.87 ? 15  VAL A CB  1 
ATOM   108 C  CG1 . VAL A 1 15 ? 4.987   -4.857  -4.969  1.00 21.59 ? 15  VAL A CG1 1 
ATOM   109 C  CG2 . VAL A 1 15 ? 3.375   -3.080  -4.346  1.00 14.41 ? 15  VAL A CG2 1 
ATOM   110 N  N   . GLU A 1 16 ? 7.098   -4.432  -1.785  1.00 16.42 ? 16  GLU A N   1 
ATOM   111 C  CA  . GLU A 1 16 ? 8.315   -5.067  -1.327  1.00 17.03 ? 16  GLU A CA  1 
ATOM   112 C  C   . GLU A 1 16 ? 8.239   -5.558  0.135   1.00 13.91 ? 16  GLU A C   1 
ATOM   113 O  O   . GLU A 1 16 ? 8.682   -6.664  0.452   1.00 14.35 ? 16  GLU A O   1 
ATOM   114 C  CB  . GLU A 1 16 ? 9.528   -4.098  -1.395  1.00 21.19 ? 16  GLU A CB  1 
ATOM   115 C  CG  . GLU A 1 16 ? 9.906   -3.728  -2.847  1.00 25.93 ? 16  GLU A CG  1 
ATOM   116 C  CD  . GLU A 1 16 ? 11.098  -2.774  -2.928  1.00 20.00 ? 16  GLU A CD  1 
ATOM   117 O  OE1 . GLU A 1 16 ? 11.673  -2.367  -1.847  1.00 20.00 ? 16  GLU A OE1 1 
ATOM   118 O  OE2 . GLU A 1 16 ? 11.528  -2.377  -4.077  1.00 20.00 ? 16  GLU A OE2 1 
ATOM   119 N  N   . ILE A 1 17 ? 7.655   -4.751  0.963   1.00 11.73 ? 17  ILE A N   1 
ATOM   120 C  CA  . ILE A 1 17 ? 7.426   -4.911  2.380   1.00 9.58  ? 17  ILE A CA  1 
ATOM   121 C  C   . ILE A 1 17 ? 6.281   -5.786  2.737   1.00 9.42  ? 17  ILE A C   1 
ATOM   122 O  O   . ILE A 1 17 ? 6.369   -6.577  3.677   1.00 11.98 ? 17  ILE A O   1 
ATOM   123 C  CB  . ILE A 1 17 ? 7.096   -3.451  2.988   1.00 11.05 ? 17  ILE A CB  1 
ATOM   124 C  CG1 . ILE A 1 17 ? 8.375   -2.660  3.151   1.00 13.25 ? 17  ILE A CG1 1 
ATOM   125 C  CG2 . ILE A 1 17 ? 6.253   -3.622  4.279   1.00 15.93 ? 17  ILE A CG2 1 
ATOM   126 C  CD1 . ILE A 1 17 ? 8.132   -1.157  3.429   1.00 14.27 ? 17  ILE A CD1 1 
ATOM   127 N  N   . CYS A 1 18 ? 5.167   -5.730  2.044   1.00 9.58  ? 18  CYS A N   1 
ATOM   128 C  CA  . CYS A 1 18 ? 3.957   -6.519  2.353   1.00 9.78  ? 18  CYS A CA  1 
ATOM   129 C  C   . CYS A 1 18 ? 3.234   -6.981  1.098   1.00 9.51  ? 18  CYS A C   1 
ATOM   130 O  O   . CYS A 1 18 ? 2.131   -6.548  0.817   1.00 8.56  ? 18  CYS A O   1 
ATOM   131 C  CB  . CYS A 1 18 ? 3.048   -5.540  3.138   1.00 8.61  ? 18  CYS A CB  1 
ATOM   132 S  SG  . CYS A 1 18 ? 1.887   -6.313  4.275   1.00 12.90 ? 18  CYS A SG  1 
ATOM   133 N  N   . PRO A 1 19 ? 3.820   -7.928  0.376   1.00 10.61 ? 19  PRO A N   1 
ATOM   134 C  CA  . PRO A 1 19 ? 3.301   -8.443  -0.890  1.00 13.88 ? 19  PRO A CA  1 
ATOM   135 C  C   . PRO A 1 19 ? 1.966   -9.136  -0.828  1.00 12.62 ? 19  PRO A C   1 
ATOM   136 O  O   . PRO A 1 19 ? 1.238   -9.220  -1.854  1.00 14.26 ? 19  PRO A O   1 
ATOM   137 C  CB  . PRO A 1 19 ? 4.423   -9.395  -1.358  1.00 14.79 ? 19  PRO A CB  1 
ATOM   138 C  CG  . PRO A 1 19 ? 4.988   -9.846  -0.049  1.00 13.20 ? 19  PRO A CG  1 
ATOM   139 C  CD  . PRO A 1 19 ? 5.142   -8.510  0.690   1.00 13.15 ? 19  PRO A CD  1 
ATOM   140 N  N   . ASP A 1 20 ? 1.561   -9.574  0.309   1.00 12.75 ? 20  ASP A N   1 
ATOM   141 C  CA  . ASP A 1 20 ? 0.280   -10.247 0.554   1.00 13.10 ? 20  ASP A CA  1 
ATOM   142 C  C   . ASP A 1 20 ? -0.840  -9.241  0.647   1.00 14.69 ? 20  ASP A C   1 
ATOM   143 O  O   . ASP A 1 20 ? -2.002  -9.667  0.595   1.00 15.21 ? 20  ASP A O   1 
ATOM   144 C  CB  . ASP A 1 20 ? 0.374   -11.054 1.869   1.00 15.71 ? 20  ASP A CB  1 
ATOM   145 C  CG  . ASP A 1 20 ? 1.212   -12.286 1.510   1.00 23.03 ? 20  ASP A CG  1 
ATOM   146 O  OD1 . ASP A 1 20 ? 0.744   -13.101 0.705   1.00 24.15 ? 20  ASP A OD1 1 
ATOM   147 O  OD2 . ASP A 1 20 ? 2.343   -12.340 2.030   1.00 24.14 ? 20  ASP A OD2 1 
ATOM   148 N  N   . VAL A 1 21 ? -0.521  -7.986  0.840   1.00 10.69 ? 21  VAL A N   1 
ATOM   149 C  CA  . VAL A 1 21 ? -1.569  -6.960  0.970   1.00 9.03  ? 21  VAL A CA  1 
ATOM   150 C  C   . VAL A 1 21 ? -1.502  -5.939  -0.176  1.00 8.51  ? 21  VAL A C   1 
ATOM   151 O  O   . VAL A 1 21 ? -2.578  -5.395  -0.483  1.00 10.81 ? 21  VAL A O   1 
ATOM   152 C  CB  . VAL A 1 21 ? -1.504  -6.305  2.350   1.00 9.70  ? 21  VAL A CB  1 
ATOM   153 C  CG1 . VAL A 1 21 ? -2.427  -5.095  2.506   1.00 10.59 ? 21  VAL A CG1 1 
ATOM   154 C  CG2 . VAL A 1 21 ? -1.730  -7.360  3.491   1.00 9.15  ? 21  VAL A CG2 1 
ATOM   155 N  N   . PHE A 1 22 ? -0.373  -5.673  -0.786  1.00 8.23  ? 22  PHE A N   1 
ATOM   156 C  CA  . PHE A 1 22 ? -0.257  -4.650  -1.818  1.00 8.14  ? 22  PHE A CA  1 
ATOM   157 C  C   . PHE A 1 22 ? 0.380   -5.181  -3.115  1.00 10.87 ? 22  PHE A C   1 
ATOM   158 O  O   . PHE A 1 22 ? 1.357   -5.909  -3.068  1.00 9.86  ? 22  PHE A O   1 
ATOM   159 C  CB  . PHE A 1 22 ? 0.561   -3.382  -1.413  1.00 8.54  ? 22  PHE A CB  1 
ATOM   160 C  CG  . PHE A 1 22 ? 0.123   -2.768  -0.116  1.00 9.77  ? 22  PHE A CG  1 
ATOM   161 C  CD1 . PHE A 1 22 ? -0.909  -1.821  -0.160  1.00 11.62 ? 22  PHE A CD1 1 
ATOM   162 C  CD2 . PHE A 1 22 ? 0.671   -3.148  1.106   1.00 8.04  ? 22  PHE A CD2 1 
ATOM   163 C  CE1 . PHE A 1 22 ? -1.392  -1.219  1.023   1.00 11.55 ? 22  PHE A CE1 1 
ATOM   164 C  CE2 . PHE A 1 22 ? 0.173   -2.572  2.273   1.00 8.51  ? 22  PHE A CE2 1 
ATOM   165 C  CZ  . PHE A 1 22 ? -0.830  -1.586  2.240   1.00 5.47  ? 22  PHE A CZ  1 
ATOM   166 N  N   . GLU A 1 23 ? -0.288  -4.720  -4.178  1.00 14.66 ? 23  GLU A N   1 
ATOM   167 C  CA  . GLU A 1 23 ? 0.170   -5.055  -5.548  1.00 14.04 ? 23  GLU A CA  1 
ATOM   168 C  C   . GLU A 1 23 ? 0.066   -3.764  -6.356  1.00 14.51 ? 23  GLU A C   1 
ATOM   169 O  O   . GLU A 1 23 ? -0.625  -2.841  -5.885  1.00 13.11 ? 23  GLU A O   1 
ATOM   170 C  CB  . GLU A 1 23 ? -0.528  -6.188  -6.189  1.00 15.58 ? 23  GLU A CB  1 
ATOM   171 C  CG  . GLU A 1 23 ? -1.821  -6.246  -6.887  1.00 22.65 ? 23  GLU A CG  1 
ATOM   172 C  CD  . GLU A 1 23 ? -2.401  -7.479  -7.493  1.00 25.38 ? 23  GLU A CD  1 
ATOM   173 O  OE1 . GLU A 1 23 ? -1.895  -8.600  -7.284  1.00 28.76 ? 23  GLU A OE1 1 
ATOM   174 O  OE2 . GLU A 1 23 ? -3.452  -7.440  -8.124  1.00 30.33 ? 23  GLU A OE2 1 
ATOM   175 N  N   . MET A 1 24 ? 0.814   -3.723  -7.452  1.00 13.59 ? 24  MET A N   1 
ATOM   176 C  CA  . MET A 1 24 ? 0.754   -2.533  -8.342  1.00 16.16 ? 24  MET A CA  1 
ATOM   177 C  C   . MET A 1 24 ? -0.398  -2.787  -9.353  1.00 18.15 ? 24  MET A C   1 
ATOM   178 O  O   . MET A 1 24 ? -0.728  -3.966  -9.676  1.00 18.45 ? 24  MET A O   1 
ATOM   179 C  CB  . MET A 1 24 ? 2.046   -2.221  -9.058  1.00 14.39 ? 24  MET A CB  1 
ATOM   180 C  CG  . MET A 1 24 ? 3.229   -1.689  -8.372  1.00 12.78 ? 24  MET A CG  1 
ATOM   181 S  SD  . MET A 1 24 ? 2.767   -0.380  -7.190  1.00 15.44 ? 24  MET A SD  1 
ATOM   182 C  CE  . MET A 1 24 ? 2.890   1.090   -8.136  1.00 13.38 ? 24  MET A CE  1 
ATOM   183 N  N   . ASN A 1 25 ? -1.050  -1.703  -9.778  1.00 16.29 ? 25  ASN A N   1 
ATOM   184 C  CA  . ASN A 1 25 ? -2.092  -1.808  -10.802 1.00 16.88 ? 25  ASN A CA  1 
ATOM   185 C  C   . ASN A 1 25 ? -1.379  -2.147  -12.145 1.00 18.18 ? 25  ASN A C   1 
ATOM   186 O  O   . ASN A 1 25 ? -0.121  -2.140  -12.242 1.00 15.52 ? 25  ASN A O   1 
ATOM   187 C  CB  . ASN A 1 25 ? -2.924  -0.540  -10.888 1.00 16.22 ? 25  ASN A CB  1 
ATOM   188 C  CG  . ASN A 1 25 ? -2.159  0.670   -11.341 1.00 11.26 ? 25  ASN A CG  1 
ATOM   189 O  OD1 . ASN A 1 25 ? -0.952  0.616   -11.609 1.00 16.79 ? 25  ASN A OD1 1 
ATOM   190 N  ND2 . ASN A 1 25 ? -2.923  1.779   -11.422 1.00 16.08 ? 25  ASN A ND2 1 
ATOM   191 N  N   . GLU A 1 26 ? -2.246  -2.428  -13.142 1.00 18.91 ? 26  GLU A N   1 
ATOM   192 C  CA  . GLU A 1 26 ? -1.703  -2.804  -14.458 1.00 22.74 ? 26  GLU A CA  1 
ATOM   193 C  C   . GLU A 1 26 ? -0.873  -1.697  -15.091 1.00 21.82 ? 26  GLU A C   1 
ATOM   194 O  O   . GLU A 1 26 ? 0.231   -1.964  -15.641 1.00 21.19 ? 26  GLU A O   1 
ATOM   195 C  CB  . GLU A 1 26 ? -2.725  -3.353  -15.447 1.00 32.65 ? 26  GLU A CB  1 
ATOM   196 C  CG  . GLU A 1 26 ? -2.182  -4.107  -16.663 1.00 41.68 ? 26  GLU A CG  1 
ATOM   197 C  CD  . GLU A 1 26 ? -2.898  -4.128  -17.974 1.00 47.21 ? 26  GLU A CD  1 
ATOM   198 O  OE1 . GLU A 1 26 ? -3.997  -3.505  -18.003 1.00 48.90 ? 26  GLU A OE1 1 
ATOM   199 O  OE2 . GLU A 1 26 ? -2.439  -4.720  -18.965 1.00 49.46 ? 26  GLU A OE2 1 
ATOM   200 N  N   . GLU A 1 27 ? -1.328  -0.454  -14.977 1.00 20.41 ? 27  GLU A N   1 
ATOM   201 C  CA  . GLU A 1 27 ? -0.608  0.703   -15.513 1.00 21.94 ? 27  GLU A CA  1 
ATOM   202 C  C   . GLU A 1 27 ? 0.753   0.777   -14.816 1.00 23.80 ? 27  GLU A C   1 
ATOM   203 O  O   . GLU A 1 27 ? 1.743   1.200   -15.422 1.00 23.26 ? 27  GLU A O   1 
ATOM   204 C  CB  . GLU A 1 27 ? -1.305  2.048   -15.274 1.00 22.86 ? 27  GLU A CB  1 
ATOM   205 C  CG  . GLU A 1 27 ? -1.857  2.728   -16.540 1.00 32.30 ? 27  GLU A CG  1 
ATOM   206 C  CD  . GLU A 1 27 ? -0.729  3.067   -17.520 1.00 20.00 ? 27  GLU A CD  1 
ATOM   207 O  OE1 . GLU A 1 27 ? 0.494   2.779   -17.226 1.00 20.00 ? 27  GLU A OE1 1 
ATOM   208 O  OE2 . GLU A 1 27 ? -1.004  3.643   -18.639 1.00 20.00 ? 27  GLU A OE2 1 
ATOM   209 N  N   . GLY A 1 28 ? 0.728   0.390   -13.529 1.00 19.53 ? 28  GLY A N   1 
ATOM   210 C  CA  . GLY A 1 28 ? 1.939   0.423   -12.732 1.00 16.72 ? 28  GLY A CA  1 
ATOM   211 C  C   . GLY A 1 28 ? 2.179   1.796   -12.165 1.00 15.53 ? 28  GLY A C   1 
ATOM   212 O  O   . GLY A 1 28 ? 3.350   2.132   -11.986 1.00 18.71 ? 28  GLY A O   1 
ATOM   213 N  N   . ASP A 1 29 ? 1.185   2.579   -11.862 1.00 14.90 ? 29  ASP A N   1 
ATOM   214 C  CA  . ASP A 1 29 ? 1.415   3.946   -11.348 1.00 13.44 ? 29  ASP A CA  1 
ATOM   215 C  C   . ASP A 1 29 ? 0.662   4.140   -10.046 1.00 13.38 ? 29  ASP A C   1 
ATOM   216 O  O   . ASP A 1 29 ? 0.663   5.289   -9.529  1.00 13.82 ? 29  ASP A O   1 
ATOM   217 C  CB  . ASP A 1 29 ? 1.062   4.984   -12.411 1.00 17.69 ? 29  ASP A CB  1 
ATOM   218 C  CG  . ASP A 1 29 ? -0.351  4.973   -12.950 1.00 20.31 ? 29  ASP A CG  1 
ATOM   219 O  OD1 . ASP A 1 29 ? -1.243  4.131   -12.691 1.00 16.30 ? 29  ASP A OD1 1 
ATOM   220 O  OD2 . ASP A 1 29 ? -0.650  5.934   -13.722 1.00 22.61 ? 29  ASP A OD2 1 
ATOM   221 N  N   . LYS A 1 30 ? 0.058   3.031   -9.594  1.00 13.29 ? 30  LYS A N   1 
ATOM   222 C  CA  . LYS A 1 30 ? -0.648  3.136   -8.309  1.00 11.56 ? 30  LYS A CA  1 
ATOM   223 C  C   . LYS A 1 30 ? -0.708  1.755   -7.669  1.00 13.21 ? 30  LYS A C   1 
ATOM   224 O  O   . LYS A 1 30 ? -0.888  0.751   -8.381  1.00 13.70 ? 30  LYS A O   1 
ATOM   225 C  CB  . LYS A 1 30 ? -2.037  3.729   -8.357  1.00 11.63 ? 30  LYS A CB  1 
ATOM   226 C  CG  . LYS A 1 30 ? -2.487  4.294   -7.000  1.00 11.23 ? 30  LYS A CG  1 
ATOM   227 C  CD  . LYS A 1 30 ? -3.867  4.904   -7.027  1.00 15.84 ? 30  LYS A CD  1 
ATOM   228 C  CE  . LYS A 1 30 ? -4.348  5.155   -5.604  1.00 19.58 ? 30  LYS A CE  1 
ATOM   229 N  NZ  . LYS A 1 30 ? -5.795  5.531   -5.618  1.00 24.37 ? 30  LYS A NZ  1 
ATOM   230 N  N   . ALA A 1 31 ? -0.558  1.774   -6.316  1.00 11.72 ? 31  ALA A N   1 
ATOM   231 C  CA  . ALA A 1 31 ? -0.655  0.479   -5.617  1.00 12.28 ? 31  ALA A CA  1 
ATOM   232 C  C   . ALA A 1 31 ? -2.155  0.149   -5.422  1.00 11.46 ? 31  ALA A C   1 
ATOM   233 O  O   . ALA A 1 31 ? -2.984  1.083   -5.294  1.00 12.71 ? 31  ALA A O   1 
ATOM   234 C  CB  . ALA A 1 31 ? 0.065   0.444   -4.296  1.00 9.40  ? 31  ALA A CB  1 
ATOM   235 N  N   . VAL A 1 32 ? -2.410  -1.122  -5.343  1.00 10.75 ? 32  VAL A N   1 
ATOM   236 C  CA  . VAL A 1 32 ? -3.735  -1.692  -5.135  1.00 11.47 ? 32  VAL A CA  1 
ATOM   237 C  C   . VAL A 1 32 ? -3.728  -2.510  -3.848  1.00 9.78  ? 32  VAL A C   1 
ATOM   238 O  O   . VAL A 1 32 ? -2.748  -3.235  -3.620  1.00 10.76 ? 32  VAL A O   1 
ATOM   239 C  CB  . VAL A 1 32 ? -4.060  -2.613  -6.357  1.00 12.83 ? 32  VAL A CB  1 
ATOM   240 C  CG1 . VAL A 1 32 ? -5.321  -3.366  -6.084  1.00 18.59 ? 32  VAL A CG1 1 
ATOM   241 C  CG2 . VAL A 1 32 ? -4.134  -1.871  -7.683  1.00 17.90 ? 32  VAL A CG2 1 
ATOM   242 N  N   . VAL A 1 33 ? -4.802  -2.459  -3.104  1.00 8.94  ? 33  VAL A N   1 
ATOM   243 C  CA  . VAL A 1 33 ? -4.919  -3.241  -1.867  1.00 7.88  ? 33  VAL A CA  1 
ATOM   244 C  C   . VAL A 1 33 ? -5.613  -4.575  -2.132  1.00 10.93 ? 33  VAL A C   1 
ATOM   245 O  O   . VAL A 1 33 ? -6.844  -4.558  -2.390  1.00 10.83 ? 33  VAL A O   1 
ATOM   246 C  CB  . VAL A 1 33 ? -5.765  -2.408  -0.853  1.00 9.71  ? 33  VAL A CB  1 
ATOM   247 C  CG1 . VAL A 1 33 ? -5.978  -3.148  0.446   1.00 8.70  ? 33  VAL A CG1 1 
ATOM   248 C  CG2 . VAL A 1 33 ? -5.149  -1.021  -0.727  1.00 8.75  ? 33  VAL A CG2 1 
ATOM   249 N  N   . ILE A 1 34 ? -4.915  -5.657  -2.052  1.00 10.23 ? 34  ILE A N   1 
ATOM   250 C  CA  . ILE A 1 34 ? -5.485  -6.990  -2.261  1.00 11.42 ? 34  ILE A CA  1 
ATOM   251 C  C   . ILE A 1 34 ? -6.370  -7.428  -1.095  1.00 12.34 ? 34  ILE A C   1 
ATOM   252 O  O   . ILE A 1 34 ? -7.217  -8.308  -1.348  1.00 17.20 ? 34  ILE A O   1 
ATOM   253 C  CB  . ILE A 1 34 ? -4.294  -8.003  -2.359  1.00 13.15 ? 34  ILE A CB  1 
ATOM   254 C  CG1 . ILE A 1 34 ? -3.403  -7.711  -3.565  1.00 18.04 ? 34  ILE A CG1 1 
ATOM   255 C  CG2 . ILE A 1 34 ? -4.812  -9.454  -2.286  1.00 20.08 ? 34  ILE A CG2 1 
ATOM   256 C  CD1 . ILE A 1 34 ? -2.078  -8.526  -3.352  1.00 17.01 ? 34  ILE A CD1 1 
ATOM   257 N  N   . ASN A 1 35 ? -6.140  -6.996  0.117   1.00 10.19 ? 35  ASN A N   1 
ATOM   258 C  CA  . ASN A 1 35 ? -6.964  -7.410  1.282   1.00 12.73 ? 35  ASN A CA  1 
ATOM   259 C  C   . ASN A 1 35 ? -7.066  -6.198  2.198   1.00 11.67 ? 35  ASN A C   1 
ATOM   260 O  O   . ASN A 1 35 ? -6.146  -5.924  2.995   1.00 13.12 ? 35  ASN A O   1 
ATOM   261 C  CB  . ASN A 1 35 ? -6.439  -8.634  1.991   1.00 16.34 ? 35  ASN A CB  1 
ATOM   262 C  CG  . ASN A 1 35 ? -7.374  -9.093  3.135   1.00 22.89 ? 35  ASN A CG  1 
ATOM   263 O  OD1 . ASN A 1 35 ? -8.525  -8.581  3.306   1.00 24.06 ? 35  ASN A OD1 1 
ATOM   264 N  ND2 . ASN A 1 35 ? -6.813  -10.049 3.893   1.00 23.69 ? 35  ASN A ND2 1 
ATOM   265 N  N   . PRO A 1 36 ? -8.148  -5.490  2.076   1.00 12.80 ? 36  PRO A N   1 
ATOM   266 C  CA  . PRO A 1 36 ? -8.331  -4.237  2.794   1.00 14.58 ? 36  PRO A CA  1 
ATOM   267 C  C   . PRO A 1 36 ? -8.612  -4.381  4.252   1.00 13.28 ? 36  PRO A C   1 
ATOM   268 O  O   . PRO A 1 36 ? -8.499  -3.335  4.908   1.00 15.01 ? 36  PRO A O   1 
ATOM   269 C  CB  . PRO A 1 36 ? -9.415  -3.462  2.050   1.00 15.08 ? 36  PRO A CB  1 
ATOM   270 C  CG  . PRO A 1 36 ? -9.973  -4.401  1.073   1.00 15.83 ? 36  PRO A CG  1 
ATOM   271 C  CD  . PRO A 1 36 ? -9.239  -5.734  1.103   1.00 15.56 ? 36  PRO A CD  1 
ATOM   272 N  N   . ASP A 1 37 ? -8.920  -5.578  4.665   1.00 15.15 ? 37  ASP A N   1 
ATOM   273 C  CA  . ASP A 1 37 ? -9.121  -5.854  6.120   1.00 17.25 ? 37  ASP A CA  1 
ATOM   274 C  C   . ASP A 1 37 ? -7.942  -6.602  6.799   1.00 17.45 ? 37  ASP A C   1 
ATOM   275 O  O   . ASP A 1 37 ? -8.109  -7.174  7.916   1.00 16.85 ? 37  ASP A O   1 
ATOM   276 C  CB  . ASP A 1 37 ? -10.431 -6.629  6.290   1.00 23.76 ? 37  ASP A CB  1 
ATOM   277 C  CG  . ASP A 1 37 ? -11.647 -5.771  5.983   1.00 31.86 ? 37  ASP A CG  1 
ATOM   278 O  OD1 . ASP A 1 37 ? -11.754 -4.681  6.577   1.00 35.97 ? 37  ASP A OD1 1 
ATOM   279 O  OD2 . ASP A 1 37 ? -12.472 -6.199  5.162   1.00 39.90 ? 37  ASP A OD2 1 
ATOM   280 N  N   . SER A 1 38 ? -6.755  -6.672  6.205   1.00 14.03 ? 38  SER A N   1 
ATOM   281 C  CA  . SER A 1 38 ? -5.593  -7.382  6.707   1.00 14.08 ? 38  SER A CA  1 
ATOM   282 C  C   . SER A 1 38 ? -5.149  -6.864  8.084   1.00 13.07 ? 38  SER A C   1 
ATOM   283 O  O   . SER A 1 38 ? -5.158  -5.624  8.339   1.00 14.29 ? 38  SER A O   1 
ATOM   284 C  CB  . SER A 1 38 ? -4.374  -7.232  5.751   1.00 12.61 ? 38  SER A CB  1 
ATOM   285 O  OG  . SER A 1 38 ? -3.342  -8.117  6.187   1.00 10.61 ? 38  SER A OG  1 
ATOM   286 N  N   . ASP A 1 39 ? -4.739  -7.803  8.881   1.00 11.39 ? 39  ASP A N   1 
ATOM   287 C  CA  . ASP A 1 39 ? -4.180  -7.527  10.211  1.00 13.49 ? 39  ASP A CA  1 
ATOM   288 C  C   . ASP A 1 39 ? -2.648  -7.755  10.237  1.00 14.00 ? 39  ASP A C   1 
ATOM   289 O  O   . ASP A 1 39 ? -2.092  -7.663  11.331  1.00 14.35 ? 39  ASP A O   1 
ATOM   290 C  CB  . ASP A 1 39 ? -4.822  -8.410  11.281  1.00 23.27 ? 39  ASP A CB  1 
ATOM   291 C  CG  . ASP A 1 39 ? -6.186  -7.927  11.678  1.00 30.13 ? 39  ASP A CG  1 
ATOM   292 O  OD1 . ASP A 1 39 ? -6.479  -6.763  11.380  1.00 32.90 ? 39  ASP A OD1 1 
ATOM   293 O  OD2 . ASP A 1 39 ? -6.945  -8.704  12.293  1.00 37.58 ? 39  ASP A OD2 1 
ATOM   294 N  N   . LEU A 1 40 ? -2.024  -8.095  9.124   1.00 12.03 ? 40  LEU A N   1 
ATOM   295 C  CA  . LEU A 1 40 ? -0.603  -8.393  9.062   1.00 10.57 ? 40  LEU A CA  1 
ATOM   296 C  C   . LEU A 1 40 ? 0.151   -7.198  9.596   1.00 11.22 ? 40  LEU A C   1 
ATOM   297 O  O   . LEU A 1 40 ? -0.206  -6.034  9.388   1.00 12.58 ? 40  LEU A O   1 
ATOM   298 C  CB  . LEU A 1 40 ? -0.209  -8.766  7.656   1.00 7.53  ? 40  LEU A CB  1 
ATOM   299 C  CG  . LEU A 1 40 ? -0.667  -10.058 7.045   1.00 11.66 ? 40  LEU A CG  1 
ATOM   300 C  CD1 . LEU A 1 40 ? -0.294  -10.180 5.553   1.00 11.86 ? 40  LEU A CD1 1 
ATOM   301 C  CD2 . LEU A 1 40 ? -0.028  -11.220 7.808   1.00 14.73 ? 40  LEU A CD2 1 
ATOM   302 N  N   . ASP A 1 41 ? 1.235   -7.522  10.298  1.00 12.78 ? 41  ASP A N   1 
ATOM   303 C  CA  . ASP A 1 41 ? 2.104   -6.474  10.876  1.00 11.72 ? 41  ASP A CA  1 
ATOM   304 C  C   . ASP A 1 41 ? 2.815   -5.734  9.739   1.00 11.60 ? 41  ASP A C   1 
ATOM   305 O  O   . ASP A 1 41 ? 3.203   -4.580  9.949   1.00 11.36 ? 41  ASP A O   1 
ATOM   306 C  CB  . ASP A 1 41 ? 3.130   -7.064  11.859  1.00 17.50 ? 41  ASP A CB  1 
ATOM   307 C  CG  . ASP A 1 41 ? 2.563   -7.729  13.096  1.00 18.81 ? 41  ASP A CG  1 
ATOM   308 O  OD1 . ASP A 1 41 ? 1.557   -7.197  13.594  1.00 21.26 ? 41  ASP A OD1 1 
ATOM   309 O  OD2 . ASP A 1 41 ? 3.125   -8.791  13.496  1.00 20.00 ? 41  ASP A OD2 1 
ATOM   310 N  N   . CYS A 1 42 ? 2.978   -6.377  8.566   1.00 10.50 ? 42  CYS A N   1 
ATOM   311 C  CA  . CYS A 1 42 ? 3.679   -5.621  7.491   1.00 10.69 ? 42  CYS A CA  1 
ATOM   312 C  C   . CYS A 1 42 ? 2.832   -4.423  7.018   1.00 10.74 ? 42  CYS A C   1 
ATOM   313 O  O   . CYS A 1 42 ? 3.390   -3.598  6.262   1.00 10.64 ? 42  CYS A O   1 
ATOM   314 C  CB  . CYS A 1 42 ? 4.182   -6.437  6.320   1.00 9.35  ? 42  CYS A CB  1 
ATOM   315 S  SG  . CYS A 1 42 ? 2.918   -7.473  5.499   1.00 14.22 ? 42  CYS A SG  1 
ATOM   316 N  N   . VAL A 1 43 ? 1.542   -4.435  7.358   1.00 9.71  ? 43  VAL A N   1 
ATOM   317 C  CA  . VAL A 1 43 ? 0.696   -3.296  6.910   1.00 9.46  ? 43  VAL A CA  1 
ATOM   318 C  C   . VAL A 1 43 ? 1.268   -2.048  7.573   1.00 10.06 ? 43  VAL A C   1 
ATOM   319 O  O   . VAL A 1 43 ? 1.428   -0.985  6.896   1.00 11.60 ? 43  VAL A O   1 
ATOM   320 C  CB  . VAL A 1 43 ? -0.808  -3.557  7.168   1.00 8.15  ? 43  VAL A CB  1 
ATOM   321 C  CG1 . VAL A 1 43 ? -1.649  -2.277  6.982   1.00 6.97  ? 43  VAL A CG1 1 
ATOM   322 C  CG2 . VAL A 1 43 ? -1.314  -4.695  6.312   1.00 9.63  ? 43  VAL A CG2 1 
ATOM   323 N  N   . GLU A 1 44 ? 1.506   -2.162  8.866   1.00 11.49 ? 44  GLU A N   1 
ATOM   324 C  CA  . GLU A 1 44 ? 2.018   -0.951  9.594   1.00 11.66 ? 44  GLU A CA  1 
ATOM   325 C  C   . GLU A 1 44 ? 3.334   -0.515  9.076   1.00 10.01 ? 44  GLU A C   1 
ATOM   326 O  O   . GLU A 1 44 ? 3.649   0.661   8.886   1.00 10.17 ? 44  GLU A O   1 
ATOM   327 C  CB  . GLU A 1 44 ? 1.822   -1.054  11.094  1.00 13.89 ? 44  GLU A CB  1 
ATOM   328 C  CG  . GLU A 1 44 ? 0.752   0.044   11.541  1.00 20.67 ? 44  GLU A CG  1 
ATOM   329 C  CD  . GLU A 1 44 ? 0.484   0.019   13.048  1.00 20.00 ? 44  GLU A CD  1 
ATOM   330 O  OE1 . GLU A 1 44 ? 1.088   -0.822  13.819  1.00 20.00 ? 44  GLU A OE1 1 
ATOM   331 O  OE2 . GLU A 1 44 ? -0.361  0.857   13.544  1.00 20.00 ? 44  GLU A OE2 1 
ATOM   332 N  N   . GLU A 1 45 ? 4.155   -1.492  8.713   1.00 10.07 ? 45  GLU A N   1 
ATOM   333 C  CA  . GLU A 1 45 ? 5.451   -1.144  8.135   1.00 11.40 ? 45  GLU A CA  1 
ATOM   334 C  C   . GLU A 1 45 ? 5.364   -0.420  6.817   1.00 9.58  ? 45  GLU A C   1 
ATOM   335 O  O   . GLU A 1 45 ? 6.095   0.582   6.496   1.00 8.56  ? 45  GLU A O   1 
ATOM   336 C  CB  . GLU A 1 45 ? 6.175   -2.496  8.008   1.00 15.81 ? 45  GLU A CB  1 
ATOM   337 C  CG  . GLU A 1 45 ? 7.662   -2.379  8.295   1.00 26.72 ? 45  GLU A CG  1 
ATOM   338 C  CD  . GLU A 1 45 ? 8.376   -3.488  7.528   1.00 31.83 ? 45  GLU A CD  1 
ATOM   339 O  OE1 . GLU A 1 45 ? 7.823   -4.582  7.751   1.00 26.47 ? 45  GLU A OE1 1 
ATOM   340 O  OE2 . GLU A 1 45 ? 9.301   -3.184  6.777   1.00 38.36 ? 45  GLU A OE2 1 
ATOM   341 N  N   . ALA A 1 46 ? 4.458   -0.911  5.981   1.00 9.99  ? 46  ALA A N   1 
ATOM   342 C  CA  . ALA A 1 46 ? 4.190   -0.286  4.639   1.00 8.96  ? 46  ALA A CA  1 
ATOM   343 C  C   . ALA A 1 46 ? 3.691   1.144   4.767   1.00 9.73  ? 46  ALA A C   1 
ATOM   344 O  O   . ALA A 1 46 ? 4.140   2.016   3.996   1.00 11.00 ? 46  ALA A O   1 
ATOM   345 C  CB  . ALA A 1 46 ? 3.175   -1.230  3.964   1.00 11.95 ? 46  ALA A CB  1 
ATOM   346 N  N   . ILE A 1 47 ? 2.788   1.379   5.744   1.00 6.98  ? 47  ILE A N   1 
ATOM   347 C  CA  . ILE A 1 47 ? 2.230   2.738   5.958   1.00 8.27  ? 47  ILE A CA  1 
ATOM   348 C  C   . ILE A 1 47 ? 3.344   3.701   6.307   1.00 11.00 ? 47  ILE A C   1 
ATOM   349 O  O   . ILE A 1 47 ? 3.489   4.793   5.748   1.00 11.69 ? 47  ILE A O   1 
ATOM   350 C  CB  . ILE A 1 47 ? 1.167   2.656   7.130   1.00 7.13  ? 47  ILE A CB  1 
ATOM   351 C  CG1 . ILE A 1 47 ? -0.077  1.894   6.714   1.00 8.81  ? 47  ILE A CG1 1 
ATOM   352 C  CG2 . ILE A 1 47 ? 0.844   4.081   7.628   1.00 11.44 ? 47  ILE A CG2 1 
ATOM   353 C  CD1 . ILE A 1 47 ? -1.238  1.737   7.738   1.00 10.77 ? 47  ILE A CD1 1 
ATOM   354 N  N   . ASP A 1 48 ? 4.223   3.225   7.252   1.00 12.89 ? 48  ASP A N   1 
ATOM   355 C  CA  . ASP A 1 48 ? 5.364   3.979   7.793   1.00 13.07 ? 48  ASP A CA  1 
ATOM   356 C  C   . ASP A 1 48 ? 6.440   4.208   6.763   1.00 13.09 ? 48  ASP A C   1 
ATOM   357 O  O   . ASP A 1 48 ? 7.101   5.260   6.797   1.00 13.64 ? 48  ASP A O   1 
ATOM   358 C  CB  . ASP A 1 48 ? 5.821   3.465   9.144   1.00 12.18 ? 48  ASP A CB  1 
ATOM   359 C  CG  . ASP A 1 48 ? 4.797   3.595   10.244  1.00 17.08 ? 48  ASP A CG  1 
ATOM   360 O  OD1 . ASP A 1 48 ? 3.870   4.454   10.217  1.00 21.64 ? 48  ASP A OD1 1 
ATOM   361 O  OD2 . ASP A 1 48 ? 4.869   2.822   11.220  1.00 16.46 ? 48  ASP A OD2 1 
ATOM   362 N  N   . SER A 1 49 ? 6.543   3.299   5.820   1.00 12.43 ? 49  SER A N   1 
ATOM   363 C  CA  . SER A 1 49 ? 7.521   3.374   4.738   1.00 12.76 ? 49  SER A CA  1 
ATOM   364 C  C   . SER A 1 49 ? 7.075   4.075   3.481   1.00 14.25 ? 49  SER A C   1 
ATOM   365 O  O   . SER A 1 49 ? 7.943   4.242   2.563   1.00 16.58 ? 49  SER A O   1 
ATOM   366 C  CB  . SER A 1 49 ? 7.963   1.950   4.310   1.00 17.18 ? 49  SER A CB  1 
ATOM   367 O  OG  . SER A 1 49 ? 8.508   1.326   5.452   1.00 18.59 ? 49  SER A OG  1 
ATOM   368 N  N   . CYS A 1 50 ? 5.790   4.467   3.427   1.00 11.48 ? 50  CYS A N   1 
ATOM   369 C  CA  . CYS A 1 50 ? 5.365   5.148   2.217   1.00 10.26 ? 50  CYS A CA  1 
ATOM   370 C  C   . CYS A 1 50 ? 5.730   6.647   2.285   1.00 9.17  ? 50  CYS A C   1 
ATOM   371 O  O   . CYS A 1 50 ? 5.187   7.356   3.152   1.00 9.86  ? 50  CYS A O   1 
ATOM   372 C  CB  . CYS A 1 50 ? 3.837   4.992   2.021   1.00 14.03 ? 50  CYS A CB  1 
ATOM   373 S  SG  . CYS A 1 50 ? 3.257   5.946   0.562   1.00 8.58  ? 50  CYS A SG  1 
ATOM   374 N  N   . PRO A 1 51 ? 6.521   7.074   1.324   1.00 9.79  ? 51  PRO A N   1 
ATOM   375 C  CA  . PRO A 1 51 ? 6.993   8.487   1.347   1.00 11.94 ? 51  PRO A CA  1 
ATOM   376 C  C   . PRO A 1 51 ? 5.921   9.496   1.114   1.00 14.19 ? 51  PRO A C   1 
ATOM   377 O  O   . PRO A 1 51 ? 5.949   10.671  1.545   1.00 15.11 ? 51  PRO A O   1 
ATOM   378 C  CB  . PRO A 1 51 ? 8.093   8.508   0.307   1.00 11.83 ? 51  PRO A CB  1 
ATOM   379 C  CG  . PRO A 1 51 ? 8.454   7.074   0.038   1.00 13.91 ? 51  PRO A CG  1 
ATOM   380 C  CD  . PRO A 1 51 ? 7.167   6.298   0.263   1.00 10.59 ? 51  PRO A CD  1 
ATOM   381 N  N   . ALA A 1 52 ? 4.887   9.017   0.380   1.00 13.53 ? 52  ALA A N   1 
ATOM   382 C  CA  . ALA A 1 52 ? 3.744   9.837   -0.029  1.00 12.59 ? 52  ALA A CA  1 
ATOM   383 C  C   . ALA A 1 52 ? 2.637   9.894   1.004   1.00 11.72 ? 52  ALA A C   1 
ATOM   384 O  O   . ALA A 1 52 ? 1.699   10.699  0.832   1.00 9.90  ? 52  ALA A O   1 
ATOM   385 C  CB  . ALA A 1 52 ? 3.193   9.318   -1.366  1.00 12.70 ? 52  ALA A CB  1 
ATOM   386 N  N   . GLU A 1 53 ? 2.767   9.015   1.958   1.00 12.36 ? 53  GLU A N   1 
ATOM   387 C  CA  . GLU A 1 53 ? 1.781   8.847   3.041   1.00 15.96 ? 53  GLU A CA  1 
ATOM   388 C  C   . GLU A 1 53 ? 0.397   8.612   2.424   1.00 13.54 ? 53  GLU A C   1 
ATOM   389 O  O   . GLU A 1 53 ? -0.621  9.164   2.835   1.00 11.29 ? 53  GLU A O   1 
ATOM   390 C  CB  . GLU A 1 53 ? 1.743   10.025  3.969   1.00 23.34 ? 53  GLU A CB  1 
ATOM   391 C  CG  . GLU A 1 53 ? 3.105   10.529  4.493   1.00 29.86 ? 53  GLU A CG  1 
ATOM   392 C  CD  . GLU A 1 53 ? 2.863   11.541  5.591   1.00 34.06 ? 53  GLU A CD  1 
ATOM   393 O  OE1 . GLU A 1 53 ? 2.037   12.428  5.472   1.00 35.57 ? 53  GLU A OE1 1 
ATOM   394 O  OE2 . GLU A 1 53 ? 3.562   11.312  6.599   1.00 39.40 ? 53  GLU A OE2 1 
ATOM   395 N  N   . ALA A 1 54 ? 0.481   7.781   1.364   1.00 12.82 ? 54  ALA A N   1 
ATOM   396 C  CA  . ALA A 1 54 ? -0.664  7.454   0.561   1.00 12.16 ? 54  ALA A CA  1 
ATOM   397 C  C   . ALA A 1 54 ? -1.481  6.343   1.182   1.00 11.16 ? 54  ALA A C   1 
ATOM   398 O  O   . ALA A 1 54 ? -2.661  6.240   0.771   1.00 11.33 ? 54  ALA A O   1 
ATOM   399 C  CB  . ALA A 1 54 ? -0.303  7.165   -0.914  1.00 10.28 ? 54  ALA A CB  1 
ATOM   400 N  N   . ILE A 1 55 ? -0.926  5.595   2.101   1.00 10.56 ? 55  ILE A N   1 
ATOM   401 C  CA  . ILE A 1 55 ? -1.678  4.441   2.671   1.00 10.84 ? 55  ILE A CA  1 
ATOM   402 C  C   . ILE A 1 55 ? -2.402  4.825   3.926   1.00 11.05 ? 55  ILE A C   1 
ATOM   403 O  O   . ILE A 1 55 ? -1.730  5.273   4.845   1.00 13.20 ? 55  ILE A O   1 
ATOM   404 C  CB  . ILE A 1 55 ? -0.742  3.185   2.813   1.00 9.26  ? 55  ILE A CB  1 
ATOM   405 C  CG1 . ILE A 1 55 ? -0.016  2.932   1.461   1.00 10.10 ? 55  ILE A CG1 1 
ATOM   406 C  CG2 . ILE A 1 55 ? -1.572  1.961   3.233   1.00 10.03 ? 55  ILE A CG2 1 
ATOM   407 C  CD1 . ILE A 1 55 ? 1.126   1.894   1.642   1.00 9.61  ? 55  ILE A CD1 1 
ATOM   408 N  N   . VAL A 1 56 ? -3.685  4.636   4.030   1.00 12.49 ? 56  VAL A N   1 
ATOM   409 C  CA  . VAL A 1 56 ? -4.423  5.058   5.230   1.00 14.92 ? 56  VAL A CA  1 
ATOM   410 C  C   . VAL A 1 56 ? -5.410  3.991   5.646   1.00 16.48 ? 56  VAL A C   1 
ATOM   411 O  O   . VAL A 1 56 ? -5.610  3.037   4.891   1.00 16.95 ? 56  VAL A O   1 
ATOM   412 C  CB  . VAL A 1 56 ? -5.118  6.386   4.831   1.00 18.49 ? 56  VAL A CB  1 
ATOM   413 C  CG1 . VAL A 1 56 ? -4.034  7.422   4.432   1.00 23.13 ? 56  VAL A CG1 1 
ATOM   414 C  CG2 . VAL A 1 56 ? -6.156  6.286   3.699   1.00 18.89 ? 56  VAL A CG2 1 
ATOM   415 N  N   . ARG A 1 57 ? -5.981  4.183   6.808   1.00 18.00 ? 57  ARG A N   1 
ATOM   416 C  CA  . ARG A 1 57 ? -6.988  3.295   7.383   1.00 24.11 ? 57  ARG A CA  1 
ATOM   417 C  C   . ARG A 1 57 ? -8.287  4.125   7.481   1.00 27.87 ? 57  ARG A C   1 
ATOM   418 O  O   . ARG A 1 57 ? -8.260  4.966   8.410   1.00 28.21 ? 57  ARG A O   1 
ATOM   419 C  CB  . ARG A 1 57 ? -6.693  2.922   8.840   1.00 30.49 ? 57  ARG A CB  1 
ATOM   420 C  CG  . ARG A 1 57 ? -6.152  1.553   9.073   1.00 39.29 ? 57  ARG A CG  1 
ATOM   421 C  CD  . ARG A 1 57 ? -5.796  1.244   10.511  1.00 43.69 ? 57  ARG A CD  1 
ATOM   422 N  NE  . ARG A 1 57 ? -4.419  0.684   10.477  1.00 48.02 ? 57  ARG A NE  1 
ATOM   423 C  CZ  . ARG A 1 57 ? -4.160  -0.560  10.053  1.00 48.16 ? 57  ARG A CZ  1 
ATOM   424 N  NH1 . ARG A 1 57 ? -5.169  -1.388  9.768   1.00 50.66 ? 57  ARG A NH1 1 
ATOM   425 N  NH2 . ARG A 1 57 ? -2.904  -0.942  9.799   1.00 47.87 ? 57  ARG A NH2 1 
ATOM   426 N  N   . SER A 1 58 ? -9.253  3.810   6.659   1.00 30.01 ? 58  SER A N   1 
ATOM   427 C  CA  . SER A 1 58 ? -10.545 4.496   6.598   1.00 31.87 ? 58  SER A CA  1 
ATOM   428 C  C   . SER A 1 58 ? -11.686 3.853   7.368   1.00 32.56 ? 58  SER A C   1 
ATOM   429 O  O   . SER A 1 58 ? -12.485 4.680   7.888   1.00 34.80 ? 58  SER A O   1 
ATOM   430 C  CB  . SER A 1 58 ? -10.982 4.638   5.134   1.00 32.88 ? 58  SER A CB  1 
ATOM   431 O  OG  . SER A 1 58 ? -9.839  5.004   4.369   1.00 39.87 ? 58  SER A OG  1 
ATOM   432 O  OXT . SER A 1 58 ? -11.754 2.629   7.411   1.00 33.73 ? 58  SER A OXT 1 
HETATM 433 FE FE1 . F3S B 2 .  ? 2.378   4.171   -3.667  1.00 12.19 ? 59  F3S A FE1 1 
HETATM 434 FE FE3 . F3S B 2 .  ? 3.155   2.027   -2.222  1.00 11.58 ? 59  F3S A FE3 1 
HETATM 435 FE FE4 . F3S B 2 .  ? 3.479   4.588   -1.174  1.00 11.17 ? 59  F3S A FE4 1 
HETATM 436 S  S1  . F3S B 2 .  ? 3.440   2.369   -4.435  1.00 11.54 ? 59  F3S A S1  1 
HETATM 437 S  S2  . F3S B 2 .  ? 3.943   5.785   -3.070  1.00 12.36 ? 59  F3S A S2  1 
HETATM 438 S  S3  . F3S B 2 .  ? 1.477   3.519   -1.626  1.00 9.69  ? 59  F3S A S3  1 
HETATM 439 S  S4  . F3S B 2 .  ? 4.954   2.933   -1.166  1.00 12.60 ? 59  F3S A S4  1 
HETATM 440 O  O   . HOH C 3 .  ? -8.934  -0.406  -0.611  1.00 15.46 ? 67  HOH A O   1 
HETATM 441 O  O   . HOH C 3 .  ? -7.093  -0.773  -4.048  1.00 17.53 ? 68  HOH A O   1 
HETATM 442 O  O   . HOH C 3 .  ? -1.521  7.620   -8.184  1.00 15.39 ? 69  HOH A O   1 
HETATM 443 O  O   . HOH C 3 .  ? 2.256   -5.830  -8.422  1.00 24.31 ? 70  HOH A O   1 
HETATM 444 O  O   . HOH C 3 .  ? -5.759  1.586   -5.250  1.00 17.93 ? 71  HOH A O   1 
HETATM 445 O  O   . HOH C 3 .  ? 3.005   -9.749  2.926   1.00 12.42 ? 72  HOH A O   1 
HETATM 446 O  O   . HOH C 3 .  ? 1.066   6.031   4.371   1.00 12.23 ? 73  HOH A O   1 
HETATM 447 O  O   . HOH C 3 .  ? 4.251   7.382   5.697   1.00 23.83 ? 74  HOH A O   1 
HETATM 448 O  O   . HOH C 3 .  ? 10.417  3.990   1.387   1.00 12.83 ? 75  HOH A O   1 
HETATM 449 O  O   . HOH C 3 .  ? 11.265  3.500   -2.096  1.00 25.62 ? 76  HOH A O   1 
HETATM 450 O  O   . HOH C 3 .  ? 11.294  1.644   2.282   1.00 17.73 ? 77  HOH A O   1 
HETATM 451 O  O   . HOH C 3 .  ? -9.541  -5.842  10.483  1.00 16.01 ? 79  HOH A O   1 
HETATM 452 O  O   . HOH C 3 .  ? -1.697  11.176  3.818   1.00 20.02 ? 81  HOH A O   1 
HETATM 453 O  O   . HOH C 3 .  ? 4.037   13.216  2.439   1.00 14.84 ? 82  HOH A O   1 
HETATM 454 O  O   . HOH C 3 .  ? -7.605  1.570   -2.303  1.00 19.42 ? 84  HOH A O   1 
HETATM 455 O  O   . HOH C 3 .  ? -14.235 2.660   8.640   1.00 15.81 ? 85  HOH A O   1 
HETATM 456 O  O   . HOH C 3 .  ? -17.801 3.444   9.367   1.00 15.49 ? 87  HOH A O   1 
HETATM 457 O  O   . HOH C 3 .  ? -14.564 5.529   9.907   1.00 16.94 ? 88  HOH A O   1 
HETATM 458 O  O   . HOH C 3 .  ? -1.894  12.353  -8.367  1.00 34.91 ? 90  HOH A O   1 
HETATM 459 O  O   . HOH C 3 .  ? 1.199   11.134  -7.271  1.00 18.19 ? 91  HOH A O   1 
HETATM 460 O  O   . HOH C 3 .  ? -9.864  0.223   9.180   1.00 20.19 ? 92  HOH A O   1 
HETATM 461 O  O   . HOH C 3 .  ? 2.081   -3.577  -12.743 1.00 21.41 ? 93  HOH A O   1 
HETATM 462 O  O   . HOH C 3 .  ? -2.274  -12.656 -0.521  1.00 22.59 ? 94  HOH A O   1 
HETATM 463 O  O   . HOH C 3 .  ? 3.817   -9.483  8.605   1.00 17.92 ? 95  HOH A O   1 
HETATM 464 O  O   . HOH C 3 .  ? 2.524   -10.273 10.578  1.00 18.61 ? 96  HOH A O   1 
HETATM 465 O  O   . HOH C 3 .  ? -0.207  13.918  -5.849  1.00 17.68 ? 97  HOH A O   1 
HETATM 466 O  O   . HOH C 3 .  ? 2.709   -8.048  -4.653  1.00 19.53 ? 99  HOH A O   1 
HETATM 467 O  O   . HOH C 3 .  ? -11.782 0.536   0.786   1.00 17.44 ? 100 HOH A O   1 
HETATM 468 O  O   . HOH C 3 .  ? 0.007   -10.523 -4.563  1.00 30.82 ? 102 HOH A O   1 
HETATM 469 O  O   . HOH C 3 .  ? -5.502  -4.204  13.004  1.00 24.06 ? 107 HOH A O   1 
HETATM 470 O  O   . HOH C 3 .  ? -8.142  -10.426 6.902   1.00 14.86 ? 109 HOH A O   1 
HETATM 471 O  O   . HOH C 3 .  ? 0.467   12.970  1.383   1.00 21.72 ? 110 HOH A O   1 
HETATM 472 O  O   . HOH C 3 .  ? -5.012  12.962  -9.591  1.00 34.42 ? 112 HOH A O   1 
HETATM 473 O  O   . HOH C 3 .  ? -9.369  -2.617  -2.493  0.50 27.99 ? 113 HOH A O   1 
HETATM 474 O  O   . HOH C 3 .  ? 4.983   -11.673 8.895   1.00 31.59 ? 114 HOH A O   1 
HETATM 475 O  O   . HOH C 3 .  ? -6.030  3.045   -10.631 1.00 32.43 ? 115 HOH A O   1 
HETATM 476 O  O   . HOH C 3 .  ? -10.090 -2.826  8.570   1.00 20.40 ? 116 HOH A O   1 
HETATM 477 O  O   . HOH C 3 .  ? -1.800  6.646   7.239   1.00 20.36 ? 117 HOH A O   1 
HETATM 478 O  O   . HOH C 3 .  ? -1.267  -3.953  10.682  1.00 25.86 ? 118 HOH A O   1 
HETATM 479 O  O   . HOH C 3 .  ? 4.847   -4.024  12.148  0.50 29.91 ? 119 HOH A O   1 
HETATM 480 O  O   . HOH C 3 .  ? -5.484  6.924   -9.725  1.00 28.42 ? 120 HOH A O   1 
HETATM 481 O  O   . HOH C 3 .  ? -6.735  -3.450  8.020   1.00 22.41 ? 121 HOH A O   1 
HETATM 482 O  O   . HOH C 3 .  ? 8.675   6.722   4.553   0.50 25.46 ? 122 HOH A O   1 
HETATM 483 O  O   . HOH C 3 .  ? 2.127   7.415   -9.659  1.00 17.79 ? 123 HOH A O   1 
HETATM 484 O  O   . HOH C 3 .  ? 0.028   -2.871  12.957  1.00 36.73 ? 124 HOH A O   1 
HETATM 485 O  O   . HOH C 3 .  ? 1.709   -2.090  15.699  0.50 48.04 ? 125 HOH A O   1 
HETATM 486 O  O   . HOH C 3 .  ? -1.232  -0.753  15.111  1.00 29.06 ? 126 HOH A O   1 
HETATM 487 O  O   . HOH C 3 .  ? -7.768  6.945   -4.420  1.00 18.39 ? 127 HOH A O   1 
HETATM 488 O  O   . HOH C 3 .  ? -7.876  12.549  -4.968  1.00 27.87 ? 128 HOH A O   1 
HETATM 489 O  O   . HOH C 3 .  ? -4.886  6.471   8.498   1.00 22.20 ? 129 HOH A O   1 
HETATM 490 O  O   . HOH C 3 .  ? -7.471  6.004   10.983  1.00 18.08 ? 130 HOH A O   1 
HETATM 491 O  O   . HOH C 3 .  ? -3.653  -3.931  9.921   1.00 20.91 ? 131 HOH A O   1 
HETATM 492 O  O   . HOH C 3 .  ? -17.072 1.345   7.510   1.00 24.86 ? 133 HOH A O   1 
HETATM 493 O  O   . HOH C 3 .  ? 4.860   -13.764 1.663   1.00 20.33 ? 134 HOH A O   1 
HETATM 494 O  O   . HOH C 3 .  ? 5.934   8.616   -10.229 1.00 21.91 ? 135 HOH A O   1 
HETATM 495 O  O   . HOH C 3 .  ? 6.757   -5.202  9.984   0.50 16.66 ? 136 HOH A O   1 
# 
